data_9I9I
#
_entry.id   9I9I
#
loop_
_entity.id
_entity.type
_entity.pdbx_description
1 polymer 'Isoform 7 of Cyclin-dependent kinase 11B'
2 polymer 'CDK-activating kinase assembly factor MAT1'
3 polymer Cyclin-H
4 polymer 'Cyclin-dependent kinase 7'
5 non-polymer "ADENOSINE-5'-DIPHOSPHATE"
6 non-polymer 'MAGNESIUM ION'
7 water water
#
loop_
_entity_poly.entity_id
_entity_poly.type
_entity_poly.pdbx_seq_one_letter_code
_entity_poly.pdbx_strand_id
1 'polypeptide(L)'
;SNAMSEDEERENENHLLVVPESRFDRDSGESEEAEEEVGEGTPQSSALTEGDYVPDSPALSPIELKQELPKYLPALQGCR
SVEEFQCLNRIEEGTYGVVYRAKDKKTDEIVALKRLKMEKEKEGFPITSLREINTILKAQHPNIVTVREIVVGSNMDKIY
IVMNYVEHDLKSLMETMKQPFLPGEVKTLMIQLLRGVKHLHDNWILHRDLKTSNLLLSHAGILKVGDFGLAREYGSPLKA
Y(TPO)PVVVTLWYRAPELLLGAKEYSTAVDMWSVGCIFGELLTQKPLFPGKSEIDQINKVFKDLGTPSEKIWPGYSELP
AVKKMTFSEHPYNNLRKRFGALLSDQGFDLMNKFLTYFPGRRISAEDGLKHEYFRETPLPIDPSMFPTWPAKSEQQRVKR
GTSPRPPEGGLGYSQLGDDDLKETGFHLTTTNQGASAAGPGFSLKF
;
K
2 'polypeptide(L)'
;MGSSHHHHHHENLYFQSNAMDDQGCPRCKTTKYRNPSLKLMVNVCGHTLCESCVDLLFVRGAGNCPECGTPLRKSNFRVQ
LFEDPTVDKEVEIRKKVLKIYNKREEDFPSLREYNDFLEEVEEIVFNLTNNVDLDNTKKKMEIYQKENKDVIQKNKLKLT
REQEELEEALEVERQENEQRRLFIQKEEQLQQILKRKNKQAFLDELESSDLPVALLLAQHKDRSTQLEMQLEKPKPVKPV
TFSTGIKMGQHISLAPIHKLEEALYEYQPLQIETYGPHVPELEMLGRLGYLNHVRAASPQDLAGGYTSSLACHRALQDAF
SGLFWQPS
;
H
3 'polypeptide(L)'
;(ACE)MYHNSSQKRHWTFSSEEQLARLRADANRKFRCKAVANGKVLPNDPVFLEPHEEMTLCKYYEKRLLEFCSVFKPAM
PRSVVGTACMYFKRFYLNNSVMEYHPRIIMLTCAFLACKVDEFNVSSPQFVGNLRESPLGQEKALEQILEYELLLIQQLN
FHLIVHNPYRPFEGFLIDLKTRYPILENPEILRKTADDFLNRIALTDAYLLYTPSQIALTAILSSASRAGITMESYLSES
LMLKENRTCLSQLLDIMKSMRNLVKKYEPPRSEEVAVLKQKLERCHSAELALNVITKKRKGYEDDDYVSKKSKHEEEEWT
DDDLVESL
;
I
4 'polypeptide(L)'
;MASWSHPQFEKGGGSGGGSGGGSWSHPQFEKSGGGSENLYFQSNAMALDVKSRAKRYEKLDFLGEGQFATVYKARDKNTN
QIVAIKKIKLGHRSEAKDGINRTALREIKLLQELSHPNIIGLLDAFGHKSNISLVFDFMETDLEVIIKDNSLVLTPSHIK
AYMLMTLQGLEYLHQHWILHRDLKPNNLLLDENGVLKLADFGLAKSFGSPNRAYTHQVVTRWYRAPELLFGARMYGVGVD
MWAVGCILAELLLRVPFLPGDSDLDQLTRIFETLGTPTEEQWPDMCSLPDYVTFKSFPGIPLHHIFSAAGDDLLDLIQGL
FLFNPCARITATQALKMKYFSNRPGPTPGCQLPRPNCPVETLKEQSNPALAIKRKRTEALEQGGLPKKLIF
;
J
#
# COMPACT_ATOMS: atom_id res chain seq x y z
N CYS A 87 -20.39 8.96 -24.21
CA CYS A 87 -19.07 8.43 -23.84
C CYS A 87 -18.90 7.00 -24.34
N LEU A 88 -17.69 6.67 -24.76
CA LEU A 88 -17.36 5.33 -25.24
C LEU A 88 -16.52 4.55 -24.24
N ASN A 89 -15.39 5.10 -23.81
CA ASN A 89 -14.53 4.41 -22.86
C ASN A 89 -13.63 5.43 -22.17
N ARG A 90 -13.28 5.14 -20.91
CA ARG A 90 -12.36 5.99 -20.17
C ARG A 90 -10.93 5.68 -20.61
N ILE A 91 -10.31 6.63 -21.30
CA ILE A 91 -8.96 6.39 -21.83
C ILE A 91 -7.96 6.22 -20.70
N GLU A 92 -8.04 7.06 -19.67
CA GLU A 92 -7.13 6.98 -18.53
C GLU A 92 -7.77 7.69 -17.35
N GLU A 93 -7.20 7.44 -16.16
CA GLU A 93 -7.69 8.02 -14.92
C GLU A 93 -6.67 9.02 -14.38
N GLY A 94 -7.16 10.09 -13.78
CA GLY A 94 -6.30 11.11 -13.20
C GLY A 94 -6.77 11.50 -11.82
N THR A 95 -5.89 12.20 -11.10
CA THR A 95 -6.20 12.60 -9.74
C THR A 95 -7.24 13.72 -9.70
N TYR A 96 -7.08 14.73 -10.53
CA TYR A 96 -8.00 15.87 -10.55
C TYR A 96 -8.82 15.97 -11.82
N GLY A 97 -8.75 14.97 -12.71
CA GLY A 97 -9.55 14.97 -13.92
C GLY A 97 -9.48 13.64 -14.64
N VAL A 98 -10.61 13.17 -15.17
CA VAL A 98 -10.69 11.87 -15.83
C VAL A 98 -11.24 12.09 -17.24
N VAL A 99 -10.59 11.49 -18.23
CA VAL A 99 -10.91 11.72 -19.64
C VAL A 99 -11.60 10.50 -20.21
N TYR A 100 -12.69 10.74 -20.95
CA TYR A 100 -13.42 9.70 -21.67
C TYR A 100 -13.31 9.96 -23.17
N ARG A 101 -13.37 8.89 -23.95
CA ARG A 101 -13.48 9.01 -25.40
C ARG A 101 -14.94 9.04 -25.80
N ALA A 102 -15.26 9.87 -26.79
CA ALA A 102 -16.63 9.99 -27.27
C ALA A 102 -16.68 10.14 -28.78
N ILE A 110 -14.96 11.93 -33.22
CA ILE A 110 -14.37 11.49 -31.96
C ILE A 110 -13.78 12.67 -31.21
N VAL A 111 -14.16 12.80 -29.93
CA VAL A 111 -13.68 13.87 -29.06
C VAL A 111 -13.28 13.28 -27.72
N ALA A 112 -12.69 14.12 -26.88
CA ALA A 112 -12.29 13.72 -25.54
C ALA A 112 -13.03 14.60 -24.53
N LEU A 113 -13.70 13.98 -23.57
CA LEU A 113 -14.44 14.69 -22.54
C LEU A 113 -13.72 14.50 -21.21
N LYS A 114 -13.12 15.57 -20.70
CA LYS A 114 -12.37 15.53 -19.45
C LYS A 114 -13.22 16.16 -18.35
N ARG A 115 -13.54 15.37 -17.34
CA ARG A 115 -14.26 15.87 -16.18
C ARG A 115 -13.28 16.25 -15.08
N LEU A 116 -13.52 17.42 -14.48
CA LEU A 116 -12.64 17.91 -13.42
C LEU A 116 -13.22 17.62 -12.05
N SER A 129 -9.73 24.62 -11.39
CA SER A 129 -10.74 24.61 -12.44
C SER A 129 -10.61 25.84 -13.34
N LEU A 130 -10.82 27.01 -12.76
CA LEU A 130 -10.75 28.24 -13.53
C LEU A 130 -9.36 28.47 -14.10
N ARG A 131 -8.32 28.18 -13.32
CA ARG A 131 -6.95 28.31 -13.80
C ARG A 131 -6.71 27.47 -15.04
N GLU A 132 -7.10 26.19 -14.98
CA GLU A 132 -6.84 25.28 -16.09
C GLU A 132 -7.60 25.71 -17.35
N ILE A 133 -8.87 26.05 -17.20
CA ILE A 133 -9.67 26.40 -18.37
C ILE A 133 -9.19 27.72 -18.98
N ASN A 134 -8.82 28.69 -18.13
CA ASN A 134 -8.31 29.95 -18.65
C ASN A 134 -6.99 29.76 -19.38
N THR A 135 -6.08 28.96 -18.81
CA THR A 135 -4.81 28.72 -19.46
C THR A 135 -4.98 27.97 -20.77
N ILE A 136 -5.88 26.98 -20.81
CA ILE A 136 -6.08 26.23 -22.04
C ILE A 136 -6.77 27.09 -23.10
N LEU A 137 -7.65 28.01 -22.69
CA LEU A 137 -8.30 28.88 -23.66
C LEU A 137 -7.33 29.91 -24.23
N LYS A 138 -6.48 30.48 -23.37
CA LYS A 138 -5.58 31.55 -23.81
C LYS A 138 -4.51 31.08 -24.78
N ALA A 139 -4.31 29.77 -24.94
CA ALA A 139 -3.19 29.28 -25.72
C ALA A 139 -3.61 28.38 -26.88
N GLN A 140 -4.64 28.79 -27.62
CA GLN A 140 -5.02 28.04 -28.81
C GLN A 140 -3.89 28.05 -29.83
N HIS A 141 -3.56 26.87 -30.36
CA HIS A 141 -2.43 26.72 -31.25
C HIS A 141 -2.52 25.37 -31.93
N PRO A 142 -1.90 25.19 -33.10
CA PRO A 142 -1.86 23.85 -33.71
C PRO A 142 -1.14 22.82 -32.85
N ASN A 143 -0.12 23.22 -32.10
CA ASN A 143 0.65 22.31 -31.26
C ASN A 143 0.13 22.25 -29.83
N ILE A 144 -1.02 22.85 -29.54
CA ILE A 144 -1.60 22.87 -28.20
C ILE A 144 -3.00 22.28 -28.29
N VAL A 145 -3.40 21.58 -27.22
CA VAL A 145 -4.69 20.88 -27.24
C VAL A 145 -5.81 21.88 -27.50
N THR A 146 -6.58 21.62 -28.54
CA THR A 146 -7.61 22.53 -29.00
C THR A 146 -8.93 22.18 -28.32
N VAL A 147 -9.41 23.09 -27.48
CA VAL A 147 -10.70 22.92 -26.82
C VAL A 147 -11.80 23.31 -27.80
N ARG A 148 -12.78 22.42 -27.97
CA ARG A 148 -13.86 22.67 -28.91
C ARG A 148 -14.97 23.49 -28.27
N GLU A 149 -15.39 23.10 -27.07
CA GLU A 149 -16.45 23.80 -26.34
C GLU A 149 -16.34 23.46 -24.87
N ILE A 150 -17.17 24.13 -24.06
CA ILE A 150 -17.24 23.92 -22.63
C ILE A 150 -18.66 23.48 -22.29
N VAL A 151 -18.77 22.39 -21.52
CA VAL A 151 -20.06 21.85 -21.10
C VAL A 151 -20.02 21.57 -19.62
N VAL A 152 -21.22 21.47 -19.03
CA VAL A 152 -21.34 21.18 -17.60
C VAL A 152 -21.95 19.79 -17.41
N LYS A 158 -20.04 18.97 -11.12
CA LYS A 158 -19.03 18.52 -12.07
C LYS A 158 -18.93 19.46 -13.26
N ILE A 159 -17.73 19.62 -13.81
CA ILE A 159 -17.51 20.42 -15.00
C ILE A 159 -16.72 19.57 -16.00
N TYR A 160 -17.05 19.73 -17.29
CA TYR A 160 -16.45 18.94 -18.36
C TYR A 160 -15.85 19.88 -19.40
N ILE A 161 -14.76 19.42 -20.02
CA ILE A 161 -14.10 20.15 -21.08
C ILE A 161 -13.97 19.23 -22.28
N VAL A 162 -14.34 19.72 -23.46
CA VAL A 162 -14.35 18.93 -24.69
C VAL A 162 -13.14 19.31 -25.53
N MET A 163 -12.36 18.31 -25.92
CA MET A 163 -11.13 18.54 -26.68
C MET A 163 -11.13 17.69 -27.95
N ASN A 164 -10.38 18.16 -28.94
CA ASN A 164 -10.18 17.37 -30.15
C ASN A 164 -9.42 16.10 -29.81
N TYR A 165 -10.01 14.96 -30.15
CA TYR A 165 -9.44 13.67 -29.75
C TYR A 165 -8.15 13.39 -30.50
N VAL A 166 -7.12 13.00 -29.76
CA VAL A 166 -5.87 12.50 -30.32
C VAL A 166 -5.83 11.00 -30.10
N GLU A 167 -5.17 10.29 -31.00
CA GLU A 167 -5.18 8.84 -30.94
C GLU A 167 -4.26 8.28 -29.85
N HIS A 168 -3.09 8.89 -29.63
CA HIS A 168 -2.13 8.32 -28.71
C HIS A 168 -1.37 9.44 -27.99
N ASP A 169 -0.61 9.03 -26.97
CA ASP A 169 0.34 9.89 -26.29
C ASP A 169 1.75 9.32 -26.47
N LEU A 170 2.75 10.13 -26.13
CA LEU A 170 4.13 9.76 -26.41
C LEU A 170 4.59 8.59 -25.55
N LYS A 171 4.25 8.60 -24.26
CA LYS A 171 4.73 7.57 -23.36
C LYS A 171 4.18 6.19 -23.73
N SER A 172 2.89 6.14 -24.10
CA SER A 172 2.31 4.87 -24.54
C SER A 172 2.99 4.35 -25.81
N LEU A 173 3.31 5.26 -26.74
CA LEU A 173 4.02 4.85 -27.94
C LEU A 173 5.40 4.31 -27.61
N MET A 174 6.12 4.96 -26.69
CA MET A 174 7.43 4.47 -26.30
C MET A 174 7.36 3.12 -25.60
N GLU A 175 6.34 2.91 -24.77
CA GLU A 175 6.24 1.68 -24.00
C GLU A 175 6.06 0.46 -24.91
N THR A 176 5.26 0.59 -25.96
CA THR A 176 4.84 -0.54 -26.79
C THR A 176 5.54 -0.55 -28.15
N MET A 177 6.82 -0.17 -28.18
CA MET A 177 7.58 -0.20 -29.42
C MET A 177 9.04 -0.52 -29.11
N LYS A 178 9.62 -1.42 -29.91
CA LYS A 178 10.91 -2.04 -29.59
C LYS A 178 12.09 -1.28 -30.18
N GLN A 179 12.08 -1.00 -31.47
CA GLN A 179 13.16 -0.24 -32.08
C GLN A 179 13.19 1.17 -31.53
N PRO A 180 14.36 1.82 -31.53
CA PRO A 180 14.42 3.21 -31.06
C PRO A 180 13.80 4.18 -32.06
N PHE A 181 13.65 5.44 -31.63
CA PHE A 181 13.16 6.49 -32.51
C PHE A 181 14.16 6.78 -33.62
N LEU A 182 13.66 6.96 -34.85
CA LEU A 182 14.53 7.44 -35.91
C LEU A 182 14.83 8.92 -35.71
N PRO A 183 16.07 9.37 -35.99
CA PRO A 183 16.43 10.76 -35.68
C PRO A 183 15.54 11.79 -36.34
N GLY A 184 15.02 11.51 -37.54
CA GLY A 184 14.19 12.50 -38.23
C GLY A 184 12.93 12.83 -37.48
N GLU A 185 12.23 11.80 -36.99
CA GLU A 185 10.99 12.06 -36.26
C GLU A 185 11.28 12.65 -34.87
N VAL A 186 12.42 12.31 -34.27
CA VAL A 186 12.84 13.00 -33.05
C VAL A 186 12.97 14.49 -33.31
N LYS A 187 13.65 14.85 -34.40
CA LYS A 187 13.85 16.26 -34.72
C LYS A 187 12.53 16.95 -35.04
N THR A 188 11.63 16.27 -35.74
CA THR A 188 10.32 16.84 -36.03
C THR A 188 9.53 17.08 -34.75
N LEU A 189 9.55 16.12 -33.83
CA LEU A 189 8.85 16.30 -32.56
C LEU A 189 9.47 17.42 -31.74
N MET A 190 10.81 17.56 -31.79
CA MET A 190 11.44 18.69 -31.11
C MET A 190 11.04 20.01 -31.74
N ILE A 191 10.92 20.06 -33.07
CA ILE A 191 10.47 21.28 -33.74
C ILE A 191 9.08 21.65 -33.26
N GLN A 192 8.17 20.67 -33.24
CA GLN A 192 6.80 20.93 -32.80
C GLN A 192 6.76 21.36 -31.33
N LEU A 193 7.52 20.67 -30.48
CA LEU A 193 7.56 20.99 -29.06
C LEU A 193 8.10 22.40 -28.84
N LEU A 194 9.17 22.76 -29.54
CA LEU A 194 9.75 24.10 -29.39
C LEU A 194 8.78 25.16 -29.88
N ARG A 195 8.09 24.92 -30.99
CA ARG A 195 7.10 25.88 -31.45
C ARG A 195 6.00 26.05 -30.40
N GLY A 196 5.54 24.94 -29.81
CA GLY A 196 4.51 25.04 -28.79
C GLY A 196 4.96 25.79 -27.56
N VAL A 197 6.15 25.47 -27.06
CA VAL A 197 6.61 26.12 -25.83
C VAL A 197 6.90 27.59 -26.08
N LYS A 198 7.39 27.92 -27.28
CA LYS A 198 7.60 29.33 -27.61
C LYS A 198 6.28 30.08 -27.72
N HIS A 199 5.23 29.44 -28.27
CA HIS A 199 3.93 30.08 -28.27
C HIS A 199 3.41 30.29 -26.85
N LEU A 200 3.63 29.30 -25.97
CA LEU A 200 3.23 29.47 -24.58
C LEU A 200 4.00 30.61 -23.92
N HIS A 201 5.30 30.71 -24.19
CA HIS A 201 6.13 31.75 -23.60
C HIS A 201 5.70 33.12 -24.08
N ASP A 202 5.38 33.25 -25.37
CA ASP A 202 4.92 34.53 -25.90
C ASP A 202 3.63 34.96 -25.24
N ASN A 203 2.72 34.02 -24.97
CA ASN A 203 1.48 34.29 -24.28
C ASN A 203 1.66 34.40 -22.76
N TRP A 204 2.90 34.53 -22.29
CA TRP A 204 3.20 34.69 -20.87
C TRP A 204 2.66 33.52 -20.04
N ILE A 205 2.78 32.31 -20.58
CA ILE A 205 2.24 31.11 -19.95
C ILE A 205 3.40 30.20 -19.54
N LEU A 206 3.41 29.80 -18.27
CA LEU A 206 4.34 28.80 -17.76
C LEU A 206 3.54 27.52 -17.50
N HIS A 207 3.95 26.43 -18.14
CA HIS A 207 3.17 25.20 -18.06
C HIS A 207 3.56 24.36 -16.84
N ARG A 208 4.85 24.14 -16.65
CA ARG A 208 5.41 23.40 -15.52
C ARG A 208 4.91 21.96 -15.44
N ASP A 209 4.34 21.43 -16.50
CA ASP A 209 3.84 20.04 -16.50
C ASP A 209 4.18 19.38 -17.84
N LEU A 210 5.40 19.61 -18.31
CA LEU A 210 5.87 19.06 -19.58
C LEU A 210 6.47 17.68 -19.32
N LYS A 211 5.83 16.64 -19.85
CA LYS A 211 6.33 15.29 -19.75
C LYS A 211 5.78 14.47 -20.90
N THR A 212 6.40 13.32 -21.15
CA THR A 212 6.02 12.50 -22.29
C THR A 212 4.58 12.00 -22.17
N SER A 213 4.08 11.85 -20.95
CA SER A 213 2.69 11.44 -20.76
C SER A 213 1.74 12.52 -21.24
N ASN A 214 2.10 13.79 -21.03
CA ASN A 214 1.22 14.89 -21.44
C ASN A 214 1.28 15.10 -22.95
N LEU A 215 2.41 14.77 -23.57
CA LEU A 215 2.54 14.94 -25.02
C LEU A 215 1.64 13.94 -25.74
N LEU A 216 0.83 14.43 -26.67
CA LEU A 216 -0.09 13.61 -27.44
C LEU A 216 0.35 13.58 -28.89
N LEU A 217 0.50 12.37 -29.44
CA LEU A 217 0.90 12.19 -30.83
C LEU A 217 -0.21 11.51 -31.60
N SER A 218 -0.61 12.10 -32.72
CA SER A 218 -1.64 11.54 -33.57
C SER A 218 -1.02 10.76 -34.74
N HIS A 219 -1.88 10.13 -35.54
CA HIS A 219 -1.41 9.42 -36.72
C HIS A 219 -0.73 10.34 -37.73
N ALA A 220 -1.13 11.61 -37.77
CA ALA A 220 -0.55 12.58 -38.68
C ALA A 220 0.80 13.10 -38.20
N GLY A 221 1.37 12.50 -37.15
CA GLY A 221 2.65 12.96 -36.65
C GLY A 221 2.63 14.35 -36.06
N ILE A 222 1.52 14.73 -35.42
CA ILE A 222 1.37 16.06 -34.84
C ILE A 222 1.38 15.92 -33.32
N LEU A 223 2.31 16.62 -32.68
CA LEU A 223 2.44 16.61 -31.22
C LEU A 223 1.69 17.81 -30.67
N LYS A 224 0.78 17.56 -29.73
CA LYS A 224 -0.21 18.53 -29.31
C LYS A 224 -0.32 18.47 -27.78
N VAL A 225 0.33 19.41 -27.10
CA VAL A 225 0.47 19.32 -25.64
C VAL A 225 -0.85 19.64 -24.96
N GLY A 226 -0.96 19.24 -23.70
CA GLY A 226 -2.15 19.47 -22.91
C GLY A 226 -1.88 19.42 -21.42
N ASP A 227 -2.92 19.04 -20.66
CA ASP A 227 -2.86 18.90 -19.20
C ASP A 227 -2.44 20.21 -18.53
N PHE A 228 -3.30 21.21 -18.68
CA PHE A 228 -3.01 22.56 -18.21
C PHE A 228 -3.40 22.77 -16.75
N GLY A 229 -3.47 21.68 -15.98
CA GLY A 229 -3.75 21.80 -14.56
C GLY A 229 -2.67 22.53 -13.79
N LEU A 230 -1.41 22.35 -14.19
CA LEU A 230 -0.27 22.94 -13.50
C LEU A 230 0.25 24.20 -14.18
N ALA A 231 -0.45 24.69 -15.20
CA ALA A 231 -0.02 25.90 -15.89
C ALA A 231 -0.53 27.15 -15.17
N ARG A 232 0.23 28.23 -15.28
CA ARG A 232 -0.12 29.47 -14.61
C ARG A 232 0.31 30.66 -15.44
N GLU A 233 -0.29 31.81 -15.12
CA GLU A 233 0.00 33.08 -15.77
C GLU A 233 1.15 33.78 -15.05
N TYR A 234 2.20 34.12 -15.79
CA TYR A 234 3.33 34.83 -15.20
C TYR A 234 3.59 36.14 -15.94
N TYR A 241 6.20 32.27 -7.08
CA TYR A 241 5.12 31.38 -7.49
C TYR A 241 5.07 30.16 -6.59
N PRO A 243 5.97 26.96 -4.92
CA PRO A 243 7.29 26.38 -4.67
C PRO A 243 7.50 25.00 -5.28
N VAL A 244 6.55 24.09 -5.07
CA VAL A 244 6.69 22.70 -5.49
C VAL A 244 5.75 22.46 -6.66
N VAL A 245 6.32 22.38 -7.86
CA VAL A 245 5.58 22.00 -9.06
C VAL A 245 6.47 21.09 -9.89
N VAL A 246 5.95 20.62 -11.03
CA VAL A 246 6.66 19.75 -11.98
C VAL A 246 6.91 18.39 -11.35
N THR A 247 6.81 17.33 -12.16
CA THR A 247 7.08 16.00 -11.68
C THR A 247 8.56 15.85 -11.32
N LEU A 248 8.84 14.88 -10.43
CA LEU A 248 10.19 14.73 -9.90
C LEU A 248 11.18 14.36 -11.00
N TRP A 249 10.76 13.52 -11.94
CA TRP A 249 11.67 13.06 -12.99
C TRP A 249 12.02 14.16 -13.99
N TYR A 250 11.34 15.30 -13.95
CA TYR A 250 11.62 16.41 -14.86
C TYR A 250 11.78 17.75 -14.15
N ARG A 251 11.73 17.79 -12.83
CA ARG A 251 11.80 19.05 -12.11
C ARG A 251 13.20 19.66 -12.24
N ALA A 252 13.26 20.99 -12.27
CA ALA A 252 14.53 21.68 -12.38
C ALA A 252 15.21 21.79 -11.01
N PRO A 253 16.54 21.86 -10.99
CA PRO A 253 17.25 21.94 -9.69
C PRO A 253 16.86 23.14 -8.85
N GLU A 254 16.50 24.27 -9.47
CA GLU A 254 16.15 25.46 -8.69
C GLU A 254 14.94 25.20 -7.80
N LEU A 255 13.88 24.62 -8.37
CA LEU A 255 12.72 24.30 -7.54
C LEU A 255 13.01 23.13 -6.62
N LEU A 256 13.93 22.24 -7.01
CA LEU A 256 14.34 21.17 -6.11
C LEU A 256 15.00 21.73 -4.86
N LEU A 257 15.86 22.75 -5.02
CA LEU A 257 16.57 23.36 -3.91
C LEU A 257 15.78 24.49 -3.26
N GLY A 258 14.46 24.53 -3.44
CA GLY A 258 13.63 25.47 -2.73
C GLY A 258 13.69 26.91 -3.19
N ALA A 259 13.86 27.15 -4.48
CA ALA A 259 13.84 28.52 -4.99
C ALA A 259 12.40 29.02 -5.05
N LYS A 260 12.14 30.18 -4.44
CA LYS A 260 10.80 30.72 -4.39
C LYS A 260 10.37 31.34 -5.72
N GLU A 261 11.32 31.69 -6.58
CA GLU A 261 11.04 32.31 -7.85
C GLU A 261 11.61 31.46 -8.98
N TYR A 262 10.91 31.43 -10.10
CA TYR A 262 11.37 30.68 -11.27
C TYR A 262 10.72 31.25 -12.52
N SER A 263 11.16 30.75 -13.67
CA SER A 263 10.85 31.34 -14.96
C SER A 263 10.77 30.24 -15.99
N THR A 264 10.91 30.61 -17.26
CA THR A 264 10.76 29.65 -18.36
C THR A 264 11.79 28.53 -18.28
N ALA A 265 12.86 28.72 -17.50
CA ALA A 265 13.87 27.68 -17.37
C ALA A 265 13.28 26.37 -16.84
N VAL A 266 12.20 26.44 -16.06
CA VAL A 266 11.59 25.22 -15.54
C VAL A 266 10.96 24.40 -16.66
N ASP A 267 10.38 25.06 -17.66
CA ASP A 267 9.87 24.33 -18.82
C ASP A 267 11.01 23.93 -19.75
N MET A 268 12.07 24.73 -19.79
CA MET A 268 13.20 24.43 -20.66
C MET A 268 13.90 23.15 -20.20
N TRP A 269 14.03 22.98 -18.88
CA TRP A 269 14.57 21.74 -18.32
C TRP A 269 13.70 20.54 -18.68
N SER A 270 12.38 20.69 -18.60
CA SER A 270 11.50 19.58 -18.94
C SER A 270 11.65 19.21 -20.41
N VAL A 271 11.80 20.21 -21.28
CA VAL A 271 12.02 19.93 -22.69
C VAL A 271 13.35 19.19 -22.90
N GLY A 272 14.39 19.63 -22.20
CA GLY A 272 15.68 18.95 -22.32
C GLY A 272 15.62 17.51 -21.85
N CYS A 273 14.93 17.27 -20.73
CA CYS A 273 14.78 15.91 -20.23
C CYS A 273 13.96 15.06 -21.19
N ILE A 274 12.95 15.65 -21.82
CA ILE A 274 12.16 14.92 -22.81
C ILE A 274 13.02 14.57 -24.02
N PHE A 275 13.92 15.47 -24.41
CA PHE A 275 14.86 15.15 -25.49
C PHE A 275 15.77 14.00 -25.09
N GLY A 276 16.28 14.02 -23.85
CA GLY A 276 17.09 12.91 -23.38
C GLY A 276 16.34 11.60 -23.36
N GLU A 277 15.06 11.63 -22.98
CA GLU A 277 14.22 10.44 -23.05
C GLU A 277 14.00 9.97 -24.49
N LEU A 278 13.82 10.92 -25.43
CA LEU A 278 13.68 10.54 -26.84
C LEU A 278 14.92 9.83 -27.34
N LEU A 279 16.10 10.31 -26.94
CA LEU A 279 17.34 9.75 -27.48
C LEU A 279 17.54 8.30 -27.07
N THR A 280 17.14 7.92 -25.86
CA THR A 280 17.43 6.60 -25.33
C THR A 280 16.20 5.79 -24.95
N GLN A 281 14.99 6.36 -25.09
CA GLN A 281 13.74 5.65 -24.79
C GLN A 281 13.72 5.23 -23.31
N LYS A 282 14.37 6.04 -22.47
CA LYS A 282 14.43 5.77 -21.03
C LYS A 282 14.59 7.09 -20.32
N PRO A 283 13.92 7.28 -19.17
CA PRO A 283 14.03 8.56 -18.46
C PRO A 283 15.48 8.87 -18.10
N LEU A 284 15.84 10.15 -18.24
CA LEU A 284 17.22 10.57 -17.97
C LEU A 284 17.54 10.49 -16.48
N PHE A 285 16.66 11.04 -15.65
CA PHE A 285 16.86 11.08 -14.20
C PHE A 285 15.61 10.55 -13.51
N PRO A 286 15.43 9.23 -13.49
CA PRO A 286 14.27 8.64 -12.80
C PRO A 286 14.53 8.44 -11.31
N GLY A 287 14.75 9.54 -10.61
CA GLY A 287 15.09 9.50 -9.19
C GLY A 287 14.04 8.82 -8.33
N LYS A 288 14.46 7.89 -7.48
CA LYS A 288 13.53 7.23 -6.58
C LYS A 288 12.95 8.21 -5.58
N SER A 289 13.77 9.13 -5.07
CA SER A 289 13.34 10.14 -4.11
C SER A 289 13.94 11.49 -4.49
N GLU A 290 13.43 12.53 -3.82
CA GLU A 290 13.90 13.89 -4.07
C GLU A 290 15.39 14.02 -3.81
N ILE A 291 15.85 13.48 -2.68
CA ILE A 291 17.29 13.42 -2.42
C ILE A 291 17.98 12.56 -3.47
N ASP A 292 17.37 11.43 -3.82
CA ASP A 292 17.92 10.58 -4.86
C ASP A 292 17.91 11.29 -6.21
N GLN A 293 16.87 12.07 -6.49
CA GLN A 293 16.82 12.82 -7.74
C GLN A 293 17.95 13.85 -7.81
N ILE A 294 18.17 14.58 -6.72
CA ILE A 294 19.25 15.56 -6.69
C ILE A 294 20.60 14.87 -6.85
N ASN A 295 20.78 13.73 -6.18
CA ASN A 295 22.02 12.98 -6.31
C ASN A 295 22.23 12.50 -7.75
N LYS A 296 21.15 12.04 -8.40
CA LYS A 296 21.26 11.57 -9.78
C LYS A 296 21.66 12.72 -10.71
N VAL A 297 21.02 13.87 -10.55
CA VAL A 297 21.35 15.02 -11.40
C VAL A 297 22.80 15.43 -11.17
N PHE A 298 23.23 15.49 -9.91
CA PHE A 298 24.59 15.90 -9.62
C PHE A 298 25.61 14.90 -10.17
N LYS A 299 25.31 13.61 -10.07
CA LYS A 299 26.22 12.60 -10.58
C LYS A 299 26.32 12.64 -12.10
N ASP A 300 25.18 12.75 -12.78
CA ASP A 300 25.19 12.70 -14.24
C ASP A 300 25.73 13.98 -14.86
N LEU A 301 25.47 15.14 -14.25
CA LEU A 301 25.90 16.40 -14.84
C LEU A 301 27.11 17.02 -14.16
N GLY A 302 27.40 16.66 -12.91
CA GLY A 302 28.44 17.31 -12.17
C GLY A 302 27.87 18.30 -11.17
N THR A 303 28.39 18.32 -9.95
CA THR A 303 27.85 19.20 -8.93
C THR A 303 28.11 20.66 -9.32
N PRO A 304 27.14 21.54 -9.10
CA PRO A 304 27.34 22.95 -9.43
C PRO A 304 28.29 23.62 -8.46
N SER A 305 28.77 24.79 -8.87
CA SER A 305 29.68 25.60 -8.05
C SER A 305 29.28 27.06 -8.18
N GLU A 306 29.75 27.86 -7.22
CA GLU A 306 29.43 29.29 -7.24
C GLU A 306 30.00 29.95 -8.50
N LYS A 307 31.21 29.56 -8.91
CA LYS A 307 31.80 30.11 -10.12
C LYS A 307 30.96 29.73 -11.35
N ILE A 308 30.52 28.47 -11.42
CA ILE A 308 29.64 28.05 -12.50
C ILE A 308 28.25 28.66 -12.34
N TRP A 309 27.71 28.62 -11.12
CA TRP A 309 26.34 29.04 -10.86
C TRP A 309 26.35 30.23 -9.92
N PRO A 310 26.27 31.46 -10.45
CA PRO A 310 26.14 32.63 -9.57
C PRO A 310 24.87 32.56 -8.74
N GLY A 311 24.97 33.04 -7.51
CA GLY A 311 23.85 32.91 -6.58
C GLY A 311 23.68 31.51 -6.01
N TYR A 312 24.74 30.70 -6.03
CA TYR A 312 24.65 29.34 -5.51
C TYR A 312 24.37 29.34 -4.00
N SER A 313 25.16 30.12 -3.25
CA SER A 313 25.05 30.09 -1.80
C SER A 313 23.71 30.59 -1.29
N GLU A 314 22.99 31.37 -2.10
CA GLU A 314 21.69 31.89 -1.70
C GLU A 314 20.61 30.80 -1.69
N LEU A 315 20.83 29.70 -2.41
CA LEU A 315 19.82 28.66 -2.49
C LEU A 315 19.55 28.08 -1.10
N PRO A 316 18.28 27.96 -0.69
CA PRO A 316 17.99 27.51 0.68
C PRO A 316 18.51 26.12 1.00
N ALA A 317 18.54 25.21 0.04
CA ALA A 317 18.98 23.84 0.32
C ALA A 317 20.46 23.79 0.68
N VAL A 318 21.30 24.52 -0.07
CA VAL A 318 22.72 24.48 0.18
C VAL A 318 23.06 25.13 1.52
N LYS A 319 22.33 26.19 1.88
CA LYS A 319 22.58 26.88 3.14
C LYS A 319 22.38 25.96 4.33
N LYS A 320 21.52 24.94 4.21
CA LYS A 320 21.15 24.10 5.34
C LYS A 320 21.50 22.62 5.13
N MET A 321 22.18 22.29 4.03
CA MET A 321 22.52 20.90 3.75
C MET A 321 23.84 20.84 2.99
N THR A 322 24.43 19.65 2.97
CA THR A 322 25.68 19.39 2.27
C THR A 322 25.50 18.19 1.37
N PHE A 323 26.08 18.25 0.17
CA PHE A 323 26.04 17.18 -0.81
C PHE A 323 27.45 16.68 -1.09
N SER A 324 27.55 15.78 -2.07
CA SER A 324 28.82 15.22 -2.49
C SER A 324 29.26 15.81 -3.82
N GLU A 325 30.57 15.79 -4.06
CA GLU A 325 31.13 16.30 -5.31
C GLU A 325 31.23 15.19 -6.34
N HIS A 326 31.03 15.56 -7.60
CA HIS A 326 31.09 14.62 -8.71
C HIS A 326 31.81 15.27 -9.88
N PRO A 327 32.43 14.47 -10.74
CA PRO A 327 33.07 15.05 -11.94
C PRO A 327 32.05 15.67 -12.87
N TYR A 328 32.49 16.68 -13.62
CA TYR A 328 31.60 17.44 -14.48
C TYR A 328 31.39 16.73 -15.80
N ASN A 329 30.17 16.85 -16.34
CA ASN A 329 29.80 16.37 -17.66
C ASN A 329 30.00 14.85 -17.78
N ASN A 330 29.25 14.12 -16.96
CA ASN A 330 29.21 12.66 -17.03
C ASN A 330 28.05 12.14 -17.84
N LEU A 331 27.20 13.02 -18.37
CA LEU A 331 26.06 12.58 -19.18
C LEU A 331 26.45 12.10 -20.57
N ARG A 332 27.65 12.48 -21.04
CA ARG A 332 28.07 12.08 -22.38
C ARG A 332 28.22 10.56 -22.48
N LYS A 333 28.67 9.91 -21.41
CA LYS A 333 28.80 8.45 -21.43
C LYS A 333 27.44 7.77 -21.60
N ARG A 334 26.37 8.39 -21.10
CA ARG A 334 25.04 7.81 -21.24
C ARG A 334 24.62 7.74 -22.70
N PHE A 335 24.90 8.79 -23.46
CA PHE A 335 24.56 8.82 -24.88
C PHE A 335 25.80 8.54 -25.74
N LEU A 339 24.02 10.66 -30.53
CA LEU A 339 23.84 12.11 -30.55
C LEU A 339 25.02 12.79 -31.23
N SER A 340 24.73 13.80 -32.04
CA SER A 340 25.77 14.52 -32.75
C SER A 340 26.49 15.47 -31.80
N ASP A 341 27.64 15.99 -32.26
CA ASP A 341 28.37 16.97 -31.47
C ASP A 341 27.56 18.25 -31.29
N GLN A 342 26.86 18.68 -32.34
CA GLN A 342 25.90 19.77 -32.17
C GLN A 342 24.74 19.33 -31.29
N GLY A 343 24.37 18.05 -31.35
CA GLY A 343 23.40 17.54 -30.41
C GLY A 343 23.88 17.63 -28.98
N PHE A 344 25.16 17.35 -28.74
CA PHE A 344 25.72 17.53 -27.41
C PHE A 344 25.75 18.99 -27.00
N ASP A 345 26.08 19.90 -27.92
CA ASP A 345 26.07 21.32 -27.58
C ASP A 345 24.66 21.77 -27.19
N LEU A 346 23.65 21.34 -27.94
CA LEU A 346 22.29 21.73 -27.63
C LEU A 346 21.82 21.07 -26.32
N MET A 347 22.27 19.84 -26.07
CA MET A 347 21.94 19.17 -24.81
C MET A 347 22.55 19.91 -23.62
N ASN A 348 23.81 20.31 -23.72
CA ASN A 348 24.42 21.12 -22.68
C ASN A 348 23.70 22.46 -22.54
N LYS A 349 23.16 22.97 -23.65
CA LYS A 349 22.30 24.15 -23.56
C LYS A 349 21.06 23.86 -22.74
N PHE A 350 20.49 22.65 -22.86
CA PHE A 350 19.43 22.26 -21.95
C PHE A 350 19.92 22.11 -20.52
N LEU A 351 21.09 21.48 -20.32
CA LEU A 351 21.61 21.23 -18.98
C LEU A 351 22.57 22.31 -18.51
N THR A 352 22.38 23.55 -18.95
CA THR A 352 23.03 24.68 -18.30
C THR A 352 22.47 24.84 -16.90
N TYR A 353 23.36 24.86 -15.90
CA TYR A 353 22.91 24.98 -14.52
C TYR A 353 22.28 26.35 -14.25
N PHE A 354 22.89 27.41 -14.75
CA PHE A 354 22.42 28.75 -14.44
C PHE A 354 21.08 29.01 -15.11
N PRO A 355 20.02 29.34 -14.36
CA PRO A 355 18.72 29.60 -15.01
C PRO A 355 18.76 30.75 -16.00
N GLY A 356 19.56 31.78 -15.75
CA GLY A 356 19.66 32.89 -16.68
C GLY A 356 20.52 32.63 -17.89
N ARG A 357 21.32 31.56 -17.86
CA ARG A 357 22.18 31.21 -18.99
C ARG A 357 21.58 30.11 -19.86
N ARG A 358 20.64 29.32 -19.30
CA ARG A 358 20.02 28.25 -20.05
C ARG A 358 19.38 28.76 -21.34
N ILE A 359 19.56 28.01 -22.42
CA ILE A 359 19.05 28.44 -23.72
C ILE A 359 17.52 28.51 -23.68
N SER A 360 16.96 29.21 -24.66
CA SER A 360 15.52 29.33 -24.82
C SER A 360 15.06 28.55 -26.05
N ALA A 361 13.74 28.38 -26.15
CA ALA A 361 13.18 27.66 -27.28
C ALA A 361 13.43 28.40 -28.59
N GLU A 362 13.34 29.73 -28.56
CA GLU A 362 13.55 30.51 -29.77
C GLU A 362 14.97 30.35 -30.30
N ASP A 363 15.97 30.41 -29.40
CA ASP A 363 17.35 30.20 -29.83
C ASP A 363 17.62 28.74 -30.15
N GLY A 364 16.95 27.82 -29.45
CA GLY A 364 17.12 26.41 -29.76
C GLY A 364 16.64 26.07 -31.16
N LEU A 365 15.53 26.69 -31.59
CA LEU A 365 15.08 26.54 -32.96
C LEU A 365 16.13 27.07 -33.94
N LYS A 366 16.86 28.12 -33.54
CA LYS A 366 17.89 28.70 -34.39
C LYS A 366 19.20 27.92 -34.34
N HIS A 367 19.30 26.91 -33.48
CA HIS A 367 20.55 26.15 -33.37
C HIS A 367 20.81 25.34 -34.63
N GLU A 368 22.08 25.02 -34.84
CA GLU A 368 22.51 24.32 -36.04
C GLU A 368 22.19 22.83 -36.01
N TYR A 369 21.74 22.29 -34.88
CA TYR A 369 21.39 20.87 -34.83
C TYR A 369 20.15 20.56 -35.65
N PHE A 370 19.24 21.51 -35.79
CA PHE A 370 18.04 21.27 -36.59
C PHE A 370 18.34 21.21 -38.08
N ARG A 371 19.55 21.55 -38.50
CA ARG A 371 19.99 21.47 -39.89
C ARG A 371 21.20 20.56 -39.95
N GLU A 372 20.95 19.26 -40.08
CA GLU A 372 22.01 18.25 -40.14
C GLU A 372 21.65 17.24 -41.22
N THR A 373 22.46 16.19 -41.33
CA THR A 373 22.21 15.17 -42.35
C THR A 373 20.87 14.45 -42.18
N PRO A 374 20.47 14.00 -40.98
CA PRO A 374 19.08 13.49 -40.86
C PRO A 374 18.09 14.63 -40.68
N LEU A 375 17.70 15.25 -41.79
CA LEU A 375 16.83 16.41 -41.73
C LEU A 375 15.48 16.03 -41.14
N PRO A 376 14.81 16.96 -40.43
CA PRO A 376 13.51 16.63 -39.84
C PRO A 376 12.47 16.19 -40.86
N ILE A 377 12.04 14.93 -40.76
CA ILE A 377 11.04 14.41 -41.67
C ILE A 377 9.70 15.07 -41.38
N ASP A 378 8.87 15.17 -42.42
CA ASP A 378 7.56 15.79 -42.27
C ASP A 378 6.67 14.95 -41.34
N PRO A 379 5.69 15.57 -40.70
CA PRO A 379 4.81 14.81 -39.81
C PRO A 379 4.03 13.71 -40.50
N SER A 380 3.74 13.86 -41.79
CA SER A 380 2.92 12.86 -42.49
C SER A 380 3.64 11.53 -42.60
N MET A 381 4.94 11.55 -42.90
CA MET A 381 5.70 10.31 -43.07
C MET A 381 6.07 9.80 -41.68
N PHE A 382 5.13 9.12 -41.06
CA PHE A 382 5.31 8.53 -39.73
C PHE A 382 4.90 7.07 -39.82
N PRO A 383 5.76 6.14 -39.42
CA PRO A 383 5.36 4.72 -39.43
C PRO A 383 4.13 4.50 -38.54
N THR A 384 3.23 3.65 -39.02
CA THR A 384 1.98 3.42 -38.31
C THR A 384 2.19 2.51 -37.11
N TRP A 385 1.33 2.67 -36.13
CA TRP A 385 1.32 1.86 -34.91
C TRP A 385 -0.11 1.47 -34.60
N PRO A 386 -0.30 0.40 -33.83
CA PRO A 386 -1.68 0.00 -33.46
C PRO A 386 -2.38 1.10 -32.69
N ALA A 387 -3.68 1.26 -32.97
CA ALA A 387 -4.47 2.31 -32.34
C ALA A 387 -5.17 1.79 -31.09
N ALA B 263 -14.25 14.19 36.18
CA ALA B 263 -13.98 12.76 36.04
C ALA B 263 -12.55 12.53 35.56
N LEU B 264 -11.69 12.07 36.47
CA LEU B 264 -10.30 11.83 36.15
C LEU B 264 -10.15 10.53 35.35
N TYR B 265 -8.92 10.26 34.94
CA TYR B 265 -8.59 9.04 34.21
C TYR B 265 -7.38 8.38 34.86
N GLU B 266 -7.43 7.05 34.93
CA GLU B 266 -6.30 6.24 35.38
C GLU B 266 -6.25 5.02 34.47
N TYR B 267 -5.06 4.73 33.93
CA TYR B 267 -4.91 3.74 32.88
C TYR B 267 -5.27 2.35 33.36
N GLN B 268 -6.08 1.63 32.58
CA GLN B 268 -6.33 0.22 32.83
C GLN B 268 -5.77 -0.57 31.65
N PRO B 269 -4.83 -1.49 31.87
CA PRO B 269 -4.34 -2.30 30.75
C PRO B 269 -5.46 -3.15 30.16
N LEU B 270 -5.78 -2.88 28.90
CA LEU B 270 -6.84 -3.63 28.23
C LEU B 270 -6.51 -5.10 28.17
N GLN B 271 -7.50 -5.94 28.44
CA GLN B 271 -7.30 -7.37 28.61
C GLN B 271 -8.18 -8.13 27.62
N ILE B 272 -7.55 -8.96 26.80
CA ILE B 272 -8.25 -9.85 25.88
C ILE B 272 -7.66 -11.24 26.03
N GLU B 273 -8.54 -12.25 26.09
CA GLU B 273 -8.08 -13.61 26.31
C GLU B 273 -7.42 -14.16 25.05
N THR B 274 -6.21 -14.69 25.21
CA THR B 274 -5.50 -15.34 24.12
C THR B 274 -5.82 -16.82 24.00
N TYR B 275 -6.54 -17.39 24.98
CA TYR B 275 -6.89 -18.80 24.99
C TYR B 275 -5.65 -19.68 24.86
N GLY B 276 -4.58 -19.30 25.54
CA GLY B 276 -3.33 -20.02 25.47
C GLY B 276 -2.37 -19.65 26.59
N PRO B 277 -1.16 -20.19 26.53
CA PRO B 277 -0.17 -19.90 27.57
C PRO B 277 0.23 -18.44 27.56
N HIS B 278 0.61 -17.95 28.74
CA HIS B 278 1.03 -16.56 28.88
C HIS B 278 2.35 -16.34 28.15
N VAL B 279 2.43 -15.23 27.42
CA VAL B 279 3.62 -14.86 26.65
C VAL B 279 4.35 -13.76 27.43
N PRO B 280 5.69 -13.80 27.49
CA PRO B 280 6.41 -12.77 28.24
C PRO B 280 6.20 -11.39 27.66
N GLU B 281 6.27 -10.39 28.54
CA GLU B 281 6.11 -9.00 28.12
C GLU B 281 7.26 -8.58 27.21
N LEU B 282 6.97 -7.63 26.32
CA LEU B 282 7.88 -7.29 25.23
C LEU B 282 9.23 -6.80 25.74
N GLU B 283 9.25 -6.06 26.85
CA GLU B 283 10.45 -5.38 27.28
C GLU B 283 11.58 -6.33 27.69
N MET B 284 11.28 -7.61 27.90
CA MET B 284 12.21 -8.51 28.56
C MET B 284 12.41 -9.84 27.84
N LEU B 285 12.17 -9.90 26.52
CA LEU B 285 12.50 -11.11 25.78
C LEU B 285 13.99 -11.39 25.79
N GLY B 286 14.82 -10.36 25.60
CA GLY B 286 16.25 -10.56 25.51
C GLY B 286 16.89 -11.05 26.80
N ARG B 287 16.20 -10.90 27.93
CA ARG B 287 16.78 -11.32 29.21
C ARG B 287 16.88 -12.84 29.31
N LEU B 288 15.93 -13.57 28.76
CA LEU B 288 15.93 -15.03 28.81
C LEU B 288 16.66 -15.66 27.64
N GLY B 289 17.25 -14.87 26.74
CA GLY B 289 17.90 -15.43 25.58
C GLY B 289 16.97 -15.78 24.45
N TYR B 290 15.74 -15.26 24.45
CA TYR B 290 14.83 -15.48 23.33
C TYR B 290 15.42 -14.93 22.03
N LEU B 291 15.98 -13.71 22.10
CA LEU B 291 16.53 -13.08 20.90
C LEU B 291 17.78 -13.78 20.40
N ASN B 292 18.37 -14.68 21.20
CA ASN B 292 19.52 -15.43 20.72
C ASN B 292 19.15 -16.29 19.53
N HIS B 293 17.94 -16.85 19.53
CA HIS B 293 17.50 -17.78 18.50
C HIS B 293 16.64 -17.12 17.43
N VAL B 294 16.92 -15.86 17.11
CA VAL B 294 16.27 -15.15 16.01
C VAL B 294 17.35 -14.49 15.17
N ARG B 295 16.96 -14.03 13.98
CA ARG B 295 17.88 -13.30 13.12
C ARG B 295 18.07 -11.89 13.65
N ALA B 296 19.33 -11.48 13.82
CA ALA B 296 19.62 -10.15 14.33
C ALA B 296 19.18 -9.08 13.33
N ALA B 297 18.58 -8.01 13.84
CA ALA B 297 18.11 -6.93 12.99
C ALA B 297 19.29 -6.11 12.48
N SER B 298 19.31 -5.87 11.18
CA SER B 298 20.39 -5.09 10.57
C SER B 298 20.29 -3.63 11.00
N PRO B 299 21.41 -2.90 10.96
CA PRO B 299 21.37 -1.49 11.39
C PRO B 299 20.40 -0.63 10.59
N GLN B 300 20.12 -1.00 9.33
CA GLN B 300 19.13 -0.26 8.56
C GLN B 300 17.74 -0.38 9.19
N ASP B 301 17.39 -1.58 9.68
CA ASP B 301 16.12 -1.75 10.37
C ASP B 301 16.13 -1.05 11.73
N LEU B 302 17.28 -1.07 12.41
CA LEU B 302 17.38 -0.39 13.70
C LEU B 302 17.21 1.12 13.55
N ALA B 303 17.66 1.68 12.42
CA ALA B 303 17.51 3.11 12.19
C ALA B 303 16.04 3.50 12.12
N GLY B 304 15.22 2.70 11.44
CA GLY B 304 13.81 2.98 11.31
C GLY B 304 12.96 2.55 12.48
N GLY B 305 13.57 1.94 13.50
CA GLY B 305 12.83 1.51 14.67
C GLY B 305 12.37 0.07 14.64
N TYR B 306 13.03 -0.79 13.88
CA TYR B 306 12.70 -2.20 13.82
C TYR B 306 13.78 -3.01 14.51
N THR B 307 13.36 -3.87 15.44
CA THR B 307 14.27 -4.72 16.19
C THR B 307 13.79 -6.17 16.08
N SER B 308 14.73 -7.10 16.29
CA SER B 308 14.37 -8.51 16.29
C SER B 308 13.42 -8.86 17.42
N SER B 309 13.33 -8.00 18.44
CA SER B 309 12.36 -8.21 19.50
C SER B 309 10.94 -8.28 18.95
N LEU B 310 10.62 -7.42 17.99
CA LEU B 310 9.28 -7.41 17.41
C LEU B 310 8.98 -8.73 16.71
N ALA B 311 9.92 -9.24 15.92
CA ALA B 311 9.71 -10.50 15.22
C ALA B 311 9.57 -11.66 16.19
N CYS B 312 10.44 -11.72 17.20
CA CYS B 312 10.36 -12.79 18.18
C CYS B 312 9.04 -12.74 18.95
N HIS B 313 8.62 -11.54 19.35
CA HIS B 313 7.37 -11.40 20.09
C HIS B 313 6.18 -11.77 19.23
N ARG B 314 6.19 -11.39 17.95
CA ARG B 314 5.09 -11.78 17.07
C ARG B 314 5.04 -13.30 16.89
N ALA B 315 6.20 -13.93 16.72
CA ALA B 315 6.23 -15.38 16.56
C ALA B 315 5.70 -16.07 17.82
N LEU B 316 6.14 -15.63 19.00
CA LEU B 316 5.68 -16.25 20.24
C LEU B 316 4.20 -15.99 20.48
N GLN B 317 3.73 -14.78 20.17
CA GLN B 317 2.32 -14.45 20.37
C GLN B 317 1.42 -15.28 19.46
N ASP B 318 1.83 -15.47 18.21
CA ASP B 318 1.04 -16.29 17.31
C ASP B 318 1.21 -17.78 17.57
N ALA B 319 2.27 -18.19 18.26
CA ALA B 319 2.44 -19.59 18.61
C ALA B 319 1.49 -20.01 19.73
N PHE B 320 1.31 -19.14 20.72
CA PHE B 320 0.52 -19.47 21.92
C PHE B 320 -0.92 -19.00 21.83
N SER B 321 -1.35 -18.44 20.71
CA SER B 321 -2.70 -17.90 20.59
C SER B 321 -3.66 -19.00 20.16
N GLY B 322 -4.75 -19.14 20.91
CA GLY B 322 -5.75 -20.14 20.58
C GLY B 322 -5.31 -21.57 20.77
N LEU B 323 -4.28 -21.81 21.59
CA LEU B 323 -3.78 -23.17 21.78
C LEU B 323 -4.75 -24.01 22.61
N PHE B 324 -5.55 -23.37 23.47
CA PHE B 324 -6.43 -24.07 24.40
C PHE B 324 -7.90 -23.92 24.05
N TRP B 325 -8.23 -23.52 22.82
CA TRP B 325 -9.61 -23.20 22.47
C TRP B 325 -10.36 -24.42 21.96
N GLN B 326 -11.61 -24.54 22.38
CA GLN B 326 -12.51 -25.60 21.94
C GLN B 326 -13.71 -24.98 21.24
N PRO B 327 -13.95 -25.29 19.95
CA PRO B 327 -15.10 -24.78 19.21
C PRO B 327 -16.43 -25.20 19.81
N MET C 2 -4.84 -10.86 15.30
CA MET C 2 -4.49 -12.10 15.98
C MET C 2 -5.65 -13.08 15.92
N TYR C 3 -5.37 -14.37 16.16
CA TYR C 3 -6.38 -15.39 15.97
C TYR C 3 -7.45 -15.36 17.05
N HIS C 4 -7.05 -15.12 18.32
CA HIS C 4 -7.97 -15.31 19.43
C HIS C 4 -9.22 -14.44 19.31
N ASN C 5 -9.14 -13.34 18.57
CA ASN C 5 -10.32 -12.58 18.17
C ASN C 5 -10.22 -12.31 16.67
N SER C 6 -10.69 -13.27 15.88
CA SER C 6 -10.61 -13.22 14.43
C SER C 6 -11.89 -13.78 13.82
N SER C 7 -12.15 -13.39 12.57
CA SER C 7 -13.32 -13.90 11.87
C SER C 7 -13.19 -15.39 11.58
N GLN C 8 -11.96 -15.87 11.37
CA GLN C 8 -11.76 -17.30 11.13
C GLN C 8 -12.19 -18.14 12.32
N LYS C 9 -11.80 -17.72 13.53
CA LYS C 9 -12.24 -18.44 14.73
C LYS C 9 -13.75 -18.34 14.91
N ARG C 10 -14.32 -17.16 14.65
CA ARG C 10 -15.73 -16.96 14.96
C ARG C 10 -16.65 -17.65 13.95
N HIS C 11 -16.20 -17.87 12.72
CA HIS C 11 -17.09 -18.38 11.69
C HIS C 11 -16.55 -19.61 10.96
N TRP C 12 -15.24 -19.71 10.82
CA TRP C 12 -14.64 -20.72 9.95
C TRP C 12 -13.81 -21.73 10.72
N THR C 13 -14.33 -22.19 11.85
CA THR C 13 -13.77 -23.34 12.57
C THR C 13 -14.94 -24.12 13.15
N PHE C 14 -15.04 -25.39 12.79
CA PHE C 14 -16.23 -26.18 13.04
C PHE C 14 -15.97 -27.28 14.07
N SER C 15 -17.05 -27.79 14.64
CA SER C 15 -16.95 -28.74 15.74
C SER C 15 -16.36 -30.07 15.28
N SER C 16 -16.88 -30.64 14.21
CA SER C 16 -16.43 -31.94 13.72
C SER C 16 -16.83 -32.07 12.25
N GLU C 17 -16.44 -33.20 11.66
CA GLU C 17 -16.69 -33.45 10.24
C GLU C 17 -18.17 -33.60 9.91
N GLU C 18 -19.04 -33.82 10.92
CA GLU C 18 -20.46 -33.93 10.65
C GLU C 18 -21.02 -32.62 10.11
N GLN C 19 -20.60 -31.49 10.68
CA GLN C 19 -21.04 -30.19 10.16
C GLN C 19 -20.57 -29.98 8.73
N LEU C 20 -19.32 -30.33 8.44
CA LEU C 20 -18.80 -30.18 7.08
C LEU C 20 -19.58 -31.04 6.10
N ALA C 21 -19.85 -32.30 6.47
CA ALA C 21 -20.60 -33.19 5.59
C ALA C 21 -22.02 -32.68 5.35
N ARG C 22 -22.69 -32.21 6.41
CA ARG C 22 -24.05 -31.73 6.23
C ARG C 22 -24.08 -30.45 5.40
N LEU C 23 -23.09 -29.58 5.55
CA LEU C 23 -23.03 -28.38 4.72
C LEU C 23 -22.82 -28.73 3.25
N ARG C 24 -21.89 -29.65 2.97
CA ARG C 24 -21.65 -30.04 1.58
C ARG C 24 -22.87 -30.71 0.97
N ALA C 25 -23.54 -31.57 1.74
CA ALA C 25 -24.75 -32.21 1.26
C ALA C 25 -25.85 -31.18 1.03
N ASP C 26 -25.94 -30.17 1.89
CA ASP C 26 -26.93 -29.11 1.71
C ASP C 26 -26.66 -28.36 0.41
N ALA C 27 -25.39 -28.06 0.13
CA ALA C 27 -25.07 -27.37 -1.13
C ALA C 27 -25.43 -28.23 -2.33
N ASN C 28 -25.10 -29.52 -2.28
CA ASN C 28 -25.43 -30.41 -3.40
C ASN C 28 -26.94 -30.50 -3.61
N ARG C 29 -27.70 -30.64 -2.52
CA ARG C 29 -29.15 -30.71 -2.62
C ARG C 29 -29.73 -29.41 -3.15
N LYS C 30 -29.17 -28.28 -2.73
CA LYS C 30 -29.65 -26.99 -3.22
C LYS C 30 -29.46 -26.86 -4.72
N PHE C 31 -28.28 -27.25 -5.22
CA PHE C 31 -28.07 -27.16 -6.66
C PHE C 31 -28.99 -28.14 -7.40
N ARG C 32 -29.20 -29.34 -6.85
CA ARG C 32 -30.09 -30.29 -7.50
C ARG C 32 -31.51 -29.72 -7.57
N CYS C 33 -31.98 -29.10 -6.49
CA CYS C 33 -33.32 -28.51 -6.50
C CYS C 33 -33.41 -27.37 -7.51
N LYS C 34 -32.37 -26.52 -7.57
CA LYS C 34 -32.36 -25.44 -8.55
C LYS C 34 -32.41 -25.97 -9.97
N ALA C 35 -31.63 -27.02 -10.26
CA ALA C 35 -31.63 -27.59 -11.60
C ALA C 35 -32.97 -28.23 -11.95
N VAL C 36 -33.58 -28.93 -10.99
CA VAL C 36 -34.86 -29.58 -11.27
C VAL C 36 -35.97 -28.54 -11.41
N ALA C 37 -35.84 -27.39 -10.75
CA ALA C 37 -36.81 -26.32 -10.94
C ALA C 37 -36.60 -25.57 -12.25
N ASN C 38 -35.34 -25.52 -12.73
CA ASN C 38 -35.08 -24.86 -14.01
C ASN C 38 -35.77 -25.57 -15.17
N GLY C 39 -35.73 -26.91 -15.17
CA GLY C 39 -36.37 -27.68 -16.23
C GLY C 39 -35.55 -28.88 -16.66
N ASP C 45 -31.40 -36.36 -14.11
CA ASP C 45 -31.30 -36.99 -12.80
C ASP C 45 -30.01 -37.80 -12.59
N PRO C 46 -29.61 -38.65 -13.54
CA PRO C 46 -28.35 -39.39 -13.37
C PRO C 46 -27.11 -38.57 -13.65
N VAL C 47 -27.25 -37.31 -14.06
CA VAL C 47 -26.08 -36.50 -14.39
C VAL C 47 -25.51 -35.78 -13.19
N PHE C 48 -26.24 -35.70 -12.08
CA PHE C 48 -25.74 -35.07 -10.87
C PHE C 48 -24.83 -36.03 -10.11
N LEU C 49 -23.66 -35.53 -9.71
CA LEU C 49 -22.73 -36.34 -8.93
C LEU C 49 -23.06 -36.25 -7.44
N GLU C 50 -22.75 -37.34 -6.74
CA GLU C 50 -23.02 -37.43 -5.31
C GLU C 50 -22.02 -36.55 -4.54
N PRO C 51 -22.36 -36.19 -3.29
CA PRO C 51 -21.45 -35.34 -2.51
C PRO C 51 -20.06 -35.91 -2.33
N HIS C 52 -19.93 -37.24 -2.19
CA HIS C 52 -18.59 -37.82 -2.04
C HIS C 52 -17.77 -37.64 -3.31
N GLU C 53 -18.42 -37.76 -4.48
CA GLU C 53 -17.72 -37.49 -5.73
C GLU C 53 -17.31 -36.03 -5.82
N GLU C 54 -18.15 -35.12 -5.34
CA GLU C 54 -17.78 -33.71 -5.28
C GLU C 54 -16.56 -33.51 -4.38
N MET C 55 -16.51 -34.20 -3.24
CA MET C 55 -15.36 -34.09 -2.37
C MET C 55 -14.10 -34.63 -3.04
N THR C 56 -14.23 -35.73 -3.78
CA THR C 56 -13.08 -36.27 -4.49
C THR C 56 -12.55 -35.27 -5.53
N LEU C 57 -13.46 -34.66 -6.29
CA LEU C 57 -13.05 -33.68 -7.28
C LEU C 57 -12.42 -32.46 -6.62
N CYS C 58 -12.99 -32.02 -5.49
CA CYS C 58 -12.44 -30.90 -4.75
C CYS C 58 -11.02 -31.19 -4.27
N LYS C 59 -10.79 -32.40 -3.77
CA LYS C 59 -9.45 -32.78 -3.33
C LYS C 59 -8.48 -32.81 -4.51
N TYR C 60 -8.91 -33.36 -5.65
CA TYR C 60 -8.04 -33.42 -6.82
C TYR C 60 -7.65 -32.01 -7.28
N TYR C 61 -8.62 -31.11 -7.34
CA TYR C 61 -8.31 -29.77 -7.81
C TYR C 61 -7.62 -28.92 -6.75
N GLU C 62 -7.74 -29.27 -5.47
CA GLU C 62 -6.89 -28.65 -4.46
C GLU C 62 -5.44 -29.08 -4.66
N LYS C 63 -5.21 -30.35 -4.99
CA LYS C 63 -3.86 -30.77 -5.35
C LYS C 63 -3.36 -30.04 -6.59
N ARG C 64 -4.25 -29.83 -7.56
CA ARG C 64 -3.88 -29.07 -8.76
C ARG C 64 -3.51 -27.63 -8.41
N LEU C 65 -4.25 -27.02 -7.48
CA LEU C 65 -3.91 -25.67 -7.04
C LEU C 65 -2.56 -25.64 -6.32
N LEU C 66 -2.28 -26.67 -5.52
CA LEU C 66 -0.97 -26.78 -4.90
C LEU C 66 0.13 -26.83 -5.96
N GLU C 67 -0.06 -27.64 -7.00
CA GLU C 67 0.92 -27.72 -8.08
C GLU C 67 1.06 -26.38 -8.80
N PHE C 68 -0.05 -25.69 -9.02
CA PHE C 68 -0.01 -24.37 -9.64
C PHE C 68 0.85 -23.42 -8.82
N CYS C 69 0.58 -23.34 -7.52
CA CYS C 69 1.33 -22.42 -6.66
C CYS C 69 2.76 -22.87 -6.42
N SER C 70 3.08 -24.14 -6.72
CA SER C 70 4.44 -24.62 -6.50
C SER C 70 5.42 -24.02 -7.50
N VAL C 71 5.02 -23.90 -8.75
CA VAL C 71 5.91 -23.42 -9.81
C VAL C 71 5.55 -22.00 -10.24
N PHE C 72 4.82 -21.28 -9.41
CA PHE C 72 4.46 -19.90 -9.72
C PHE C 72 5.71 -19.01 -9.73
N LYS C 73 5.75 -18.09 -10.69
CA LYS C 73 6.84 -17.11 -10.77
C LYS C 73 6.21 -15.72 -10.85
N PRO C 74 6.57 -14.80 -9.95
CA PRO C 74 7.58 -14.90 -8.88
C PRO C 74 7.18 -15.86 -7.77
N ALA C 75 8.14 -16.29 -6.95
CA ALA C 75 7.91 -17.34 -5.98
C ALA C 75 6.79 -16.96 -5.02
N MET C 76 5.85 -17.87 -4.82
CA MET C 76 4.73 -17.62 -3.92
C MET C 76 5.15 -17.88 -2.48
N PRO C 77 5.03 -16.91 -1.59
CA PRO C 77 5.25 -17.20 -0.16
C PRO C 77 4.24 -18.22 0.33
N ARG C 78 4.68 -19.05 1.29
CA ARG C 78 3.83 -20.12 1.78
C ARG C 78 2.53 -19.59 2.37
N SER C 79 2.55 -18.36 2.88
CA SER C 79 1.31 -17.76 3.38
C SER C 79 0.29 -17.59 2.26
N VAL C 80 0.75 -17.21 1.07
CA VAL C 80 -0.17 -16.99 -0.05
C VAL C 80 -0.84 -18.28 -0.47
N VAL C 81 -0.07 -19.36 -0.60
CA VAL C 81 -0.67 -20.64 -1.01
C VAL C 81 -1.58 -21.18 0.09
N GLY C 82 -1.18 -21.01 1.36
CA GLY C 82 -2.07 -21.41 2.44
C GLY C 82 -3.39 -20.67 2.41
N THR C 83 -3.35 -19.36 2.16
CA THR C 83 -4.57 -18.58 2.06
C THR C 83 -5.41 -19.02 0.87
N ALA C 84 -4.75 -19.34 -0.25
CA ALA C 84 -5.48 -19.83 -1.42
C ALA C 84 -6.20 -21.14 -1.13
N CYS C 85 -5.51 -22.08 -0.46
CA CYS C 85 -6.14 -23.34 -0.11
C CYS C 85 -7.30 -23.12 0.86
N MET C 86 -7.13 -22.22 1.83
CA MET C 86 -8.23 -21.94 2.75
C MET C 86 -9.42 -21.33 2.02
N TYR C 87 -9.17 -20.43 1.08
CA TYR C 87 -10.25 -19.85 0.29
C TYR C 87 -10.97 -20.92 -0.52
N PHE C 88 -10.20 -21.84 -1.12
CA PHE C 88 -10.80 -22.92 -1.89
C PHE C 88 -11.71 -23.79 -1.02
N LYS C 89 -11.22 -24.18 0.15
CA LYS C 89 -12.02 -24.99 1.05
C LYS C 89 -13.26 -24.25 1.51
N ARG C 90 -13.12 -22.97 1.86
CA ARG C 90 -14.26 -22.19 2.31
C ARG C 90 -15.31 -22.04 1.22
N PHE C 91 -14.87 -21.80 -0.02
CA PHE C 91 -15.81 -21.62 -1.11
C PHE C 91 -16.56 -22.92 -1.42
N TYR C 92 -15.82 -24.03 -1.51
CA TYR C 92 -16.49 -25.28 -1.89
C TYR C 92 -17.13 -26.00 -0.73
N LEU C 93 -17.00 -25.47 0.50
CA LEU C 93 -17.76 -26.02 1.61
C LEU C 93 -19.25 -25.73 1.47
N ASN C 94 -19.60 -24.54 0.98
CA ASN C 94 -20.99 -24.12 0.87
C ASN C 94 -21.50 -24.05 -0.56
N ASN C 95 -20.68 -24.42 -1.54
CA ASN C 95 -21.07 -24.37 -2.94
C ASN C 95 -20.83 -25.73 -3.60
N SER C 96 -21.30 -25.86 -4.82
CA SER C 96 -21.25 -27.13 -5.55
C SER C 96 -20.33 -27.01 -6.76
N VAL C 97 -19.54 -28.04 -6.98
CA VAL C 97 -18.69 -28.10 -8.16
C VAL C 97 -19.54 -28.12 -9.42
N MET C 98 -20.80 -28.55 -9.30
CA MET C 98 -21.68 -28.65 -10.46
C MET C 98 -22.18 -27.28 -10.90
N GLU C 99 -21.95 -26.25 -10.07
CA GLU C 99 -22.34 -24.90 -10.45
C GLU C 99 -21.16 -24.10 -10.99
N TYR C 100 -20.10 -23.99 -10.19
CA TYR C 100 -18.92 -23.22 -10.56
C TYR C 100 -17.74 -24.17 -10.76
N HIS C 101 -17.04 -24.01 -11.88
CA HIS C 101 -15.99 -24.96 -12.23
C HIS C 101 -14.82 -24.85 -11.26
N PRO C 102 -14.24 -25.99 -10.85
CA PRO C 102 -13.11 -25.93 -9.91
C PRO C 102 -11.88 -25.24 -10.45
N ARG C 103 -11.61 -25.32 -11.76
CA ARG C 103 -10.39 -24.74 -12.30
C ARG C 103 -10.39 -23.22 -12.17
N ILE C 104 -11.47 -22.57 -12.65
CA ILE C 104 -11.53 -21.12 -12.57
C ILE C 104 -11.63 -20.67 -11.12
N ILE C 105 -12.26 -21.46 -10.26
CA ILE C 105 -12.39 -21.09 -8.86
C ILE C 105 -11.04 -21.15 -8.16
N MET C 106 -10.24 -22.17 -8.46
CA MET C 106 -8.91 -22.23 -7.86
C MET C 106 -8.01 -21.12 -8.41
N LEU C 107 -8.17 -20.79 -9.70
CA LEU C 107 -7.39 -19.68 -10.25
C LEU C 107 -7.75 -18.36 -9.57
N THR C 108 -9.05 -18.10 -9.39
CA THR C 108 -9.46 -16.86 -8.73
C THR C 108 -9.10 -16.88 -7.25
N CYS C 109 -9.05 -18.06 -6.62
CA CYS C 109 -8.58 -18.14 -5.25
C CYS C 109 -7.13 -17.76 -5.14
N ALA C 110 -6.29 -18.24 -6.06
CA ALA C 110 -4.88 -17.84 -6.08
C ALA C 110 -4.76 -16.35 -6.32
N PHE C 111 -5.56 -15.80 -7.24
CA PHE C 111 -5.49 -14.37 -7.53
C PHE C 111 -5.88 -13.54 -6.31
N LEU C 112 -6.96 -13.91 -5.63
CA LEU C 112 -7.40 -13.17 -4.46
C LEU C 112 -6.42 -13.32 -3.31
N ALA C 113 -5.80 -14.49 -3.18
CA ALA C 113 -4.77 -14.67 -2.16
C ALA C 113 -3.57 -13.78 -2.45
N CYS C 114 -3.18 -13.66 -3.72
CA CYS C 114 -2.09 -12.74 -4.08
C CYS C 114 -2.45 -11.31 -3.74
N LYS C 115 -3.69 -10.90 -4.03
CA LYS C 115 -4.10 -9.53 -3.75
C LYS C 115 -4.15 -9.26 -2.25
N VAL C 116 -4.73 -10.18 -1.47
CA VAL C 116 -4.93 -9.94 -0.05
C VAL C 116 -3.61 -9.97 0.70
N ASP C 117 -2.74 -10.92 0.39
CA ASP C 117 -1.48 -11.09 1.11
C ASP C 117 -0.43 -10.06 0.70
N GLU C 118 -0.84 -9.01 -0.02
CA GLU C 118 0.06 -7.94 -0.46
C GLU C 118 1.21 -8.50 -1.29
N PHE C 119 0.91 -9.46 -2.15
CA PHE C 119 1.87 -10.01 -3.10
C PHE C 119 1.58 -9.37 -4.45
N ASN C 120 2.26 -8.25 -4.72
CA ASN C 120 1.97 -7.44 -5.89
C ASN C 120 2.47 -8.13 -7.15
N VAL C 121 1.54 -8.67 -7.93
CA VAL C 121 1.84 -9.24 -9.24
C VAL C 121 0.76 -8.79 -10.22
N SER C 122 1.17 -8.31 -11.39
CA SER C 122 0.20 -7.86 -12.38
C SER C 122 -0.53 -9.05 -12.99
N SER C 123 -1.69 -8.76 -13.58
CA SER C 123 -2.50 -9.82 -14.19
C SER C 123 -1.77 -10.55 -15.30
N PRO C 124 -1.12 -9.87 -16.27
CA PRO C 124 -0.33 -10.63 -17.25
C PRO C 124 0.78 -11.44 -16.61
N GLN C 125 1.42 -10.89 -15.57
CA GLN C 125 2.42 -11.65 -14.82
C GLN C 125 1.75 -12.84 -14.13
N PHE C 126 0.55 -12.63 -13.57
CA PHE C 126 -0.15 -13.70 -12.87
C PHE C 126 -0.51 -14.85 -13.81
N VAL C 127 -0.81 -14.55 -15.06
CA VAL C 127 -1.20 -15.59 -16.01
C VAL C 127 -0.04 -16.08 -16.86
N GLY C 128 1.14 -15.44 -16.80
CA GLY C 128 2.29 -15.95 -17.50
C GLY C 128 2.76 -17.31 -17.01
N ASN C 129 2.33 -17.73 -15.82
CA ASN C 129 2.65 -19.02 -15.27
C ASN C 129 1.65 -20.10 -15.67
N LEU C 130 0.65 -19.75 -16.46
CA LEU C 130 -0.37 -20.70 -16.89
C LEU C 130 0.12 -21.48 -18.11
N ARG C 131 0.01 -22.81 -18.04
CA ARG C 131 0.40 -23.67 -19.15
C ARG C 131 -0.73 -23.76 -20.20
N GLU C 132 -1.09 -22.58 -20.72
CA GLU C 132 -2.13 -22.46 -21.71
C GLU C 132 -1.67 -21.53 -22.82
N SER C 133 -2.40 -21.54 -23.93
CA SER C 133 -2.10 -20.65 -25.04
C SER C 133 -2.37 -19.21 -24.62
N PRO C 134 -1.77 -18.24 -25.33
CA PRO C 134 -2.08 -16.83 -25.01
C PRO C 134 -3.57 -16.53 -25.06
N LEU C 135 -4.29 -17.10 -26.02
CA LEU C 135 -5.74 -17.03 -26.00
C LEU C 135 -6.30 -17.68 -24.76
N GLY C 136 -5.77 -18.85 -24.38
CA GLY C 136 -6.18 -19.48 -23.15
C GLY C 136 -5.89 -18.60 -21.94
N GLN C 137 -4.73 -17.94 -21.93
CA GLN C 137 -4.39 -17.08 -20.80
C GLN C 137 -5.35 -15.91 -20.67
N GLU C 138 -5.69 -15.26 -21.79
CA GLU C 138 -6.58 -14.10 -21.69
C GLU C 138 -8.00 -14.52 -21.36
N LYS C 139 -8.43 -15.69 -21.86
CA LYS C 139 -9.73 -16.22 -21.48
C LYS C 139 -9.78 -16.50 -19.99
N ALA C 140 -8.72 -17.14 -19.46
CA ALA C 140 -8.63 -17.37 -18.02
C ALA C 140 -8.68 -16.06 -17.25
N LEU C 141 -8.04 -15.02 -17.80
CA LEU C 141 -8.10 -13.72 -17.17
C LEU C 141 -9.54 -13.21 -17.07
N GLU C 142 -10.31 -13.31 -18.16
CA GLU C 142 -11.68 -12.81 -18.08
C GLU C 142 -12.50 -13.61 -17.07
N GLN C 143 -12.35 -14.94 -17.06
CA GLN C 143 -13.12 -15.73 -16.09
C GLN C 143 -12.71 -15.40 -14.65
N ILE C 144 -11.41 -15.20 -14.40
CA ILE C 144 -10.95 -14.84 -13.07
C ILE C 144 -11.54 -13.50 -12.65
N LEU C 145 -11.52 -12.52 -13.56
CA LEU C 145 -12.09 -11.21 -13.24
C LEU C 145 -13.59 -11.33 -12.98
N GLU C 146 -14.28 -12.19 -13.72
CA GLU C 146 -15.71 -12.38 -13.50
C GLU C 146 -15.98 -12.99 -12.13
N TYR C 147 -15.18 -13.98 -11.72
CA TYR C 147 -15.51 -14.76 -10.53
C TYR C 147 -14.84 -14.26 -9.26
N GLU C 148 -13.96 -13.26 -9.34
CA GLU C 148 -13.34 -12.74 -8.13
C GLU C 148 -14.36 -12.19 -7.15
N LEU C 149 -15.31 -11.38 -7.64
CA LEU C 149 -16.32 -10.83 -6.75
C LEU C 149 -17.24 -11.92 -6.21
N LEU C 150 -17.51 -12.94 -7.01
CA LEU C 150 -18.35 -14.04 -6.54
C LEU C 150 -17.66 -14.76 -5.38
N LEU C 151 -16.36 -15.01 -5.51
CA LEU C 151 -15.60 -15.60 -4.40
C LEU C 151 -15.61 -14.69 -3.19
N ILE C 152 -15.44 -13.38 -3.42
CA ILE C 152 -15.42 -12.41 -2.32
C ILE C 152 -16.74 -12.47 -1.55
N GLN C 153 -17.86 -12.50 -2.28
CA GLN C 153 -19.16 -12.56 -1.64
C GLN C 153 -19.38 -13.89 -0.92
N GLN C 154 -18.93 -15.00 -1.52
CA GLN C 154 -19.12 -16.31 -0.90
C GLN C 154 -18.23 -16.51 0.31
N LEU C 155 -17.18 -15.71 0.47
CA LEU C 155 -16.35 -15.79 1.67
C LEU C 155 -16.87 -14.96 2.83
N ASN C 156 -18.04 -14.33 2.69
CA ASN C 156 -18.62 -13.46 3.71
C ASN C 156 -17.71 -12.28 4.03
N PHE C 157 -16.86 -11.92 3.08
CA PHE C 157 -15.91 -10.80 3.22
C PHE C 157 -14.94 -11.02 4.37
N HIS C 158 -14.67 -12.28 4.71
CA HIS C 158 -13.67 -12.63 5.72
C HIS C 158 -12.42 -13.07 4.98
N LEU C 159 -11.53 -12.13 4.72
CA LEU C 159 -10.43 -12.33 3.80
C LEU C 159 -9.08 -12.56 4.48
N ILE C 160 -9.04 -12.60 5.80
CA ILE C 160 -7.79 -12.82 6.53
C ILE C 160 -7.77 -14.26 7.02
N VAL C 161 -6.69 -14.97 6.68
CA VAL C 161 -6.56 -16.38 7.01
C VAL C 161 -5.25 -16.56 7.78
N HIS C 162 -5.34 -17.22 8.94
CA HIS C 162 -4.19 -17.47 9.79
C HIS C 162 -3.64 -18.87 9.51
N ASN C 163 -2.37 -18.95 9.21
CA ASN C 163 -1.71 -20.19 8.85
C ASN C 163 -0.85 -20.70 9.99
N PRO C 164 -0.57 -22.00 10.03
CA PRO C 164 0.23 -22.56 11.13
C PRO C 164 1.73 -22.37 10.99
N TYR C 165 2.21 -21.69 9.95
CA TYR C 165 3.65 -21.58 9.76
C TYR C 165 4.28 -20.66 10.79
N ARG C 166 3.67 -19.50 11.04
CA ARG C 166 4.16 -18.62 12.10
C ARG C 166 4.07 -19.27 13.48
N PRO C 167 2.96 -19.92 13.86
CA PRO C 167 2.98 -20.67 15.12
C PRO C 167 4.04 -21.76 15.16
N PHE C 168 4.31 -22.41 14.02
CA PHE C 168 5.36 -23.42 13.98
C PHE C 168 6.72 -22.79 14.29
N GLU C 169 7.01 -21.65 13.68
CA GLU C 169 8.27 -20.95 13.97
C GLU C 169 8.34 -20.54 15.44
N GLY C 170 7.23 -20.03 15.98
CA GLY C 170 7.22 -19.64 17.37
C GLY C 170 7.46 -20.79 18.33
N PHE C 171 6.81 -21.93 18.05
CA PHE C 171 7.01 -23.11 18.89
C PHE C 171 8.44 -23.64 18.76
N LEU C 172 9.02 -23.57 17.57
CA LEU C 172 10.42 -23.96 17.40
C LEU C 172 11.33 -23.08 18.24
N ILE C 173 11.08 -21.77 18.23
CA ILE C 173 11.88 -20.85 19.03
C ILE C 173 11.75 -21.15 20.51
N ASP C 174 10.50 -21.37 20.96
CA ASP C 174 10.26 -21.66 22.37
C ASP C 174 10.92 -22.96 22.79
N LEU C 175 10.86 -23.99 21.94
CA LEU C 175 11.55 -25.24 22.24
C LEU C 175 13.05 -25.03 22.30
N LYS C 176 13.59 -24.18 21.40
CA LYS C 176 15.02 -23.89 21.43
C LYS C 176 15.44 -23.26 22.75
N THR C 177 14.65 -22.29 23.24
CA THR C 177 15.11 -21.53 24.40
C THR C 177 14.79 -22.25 25.72
N ARG C 178 13.55 -22.70 25.89
CA ARG C 178 13.06 -23.14 27.19
C ARG C 178 13.04 -24.66 27.35
N TYR C 179 13.67 -25.41 26.46
CA TYR C 179 13.74 -26.86 26.55
C TYR C 179 15.19 -27.30 26.37
N PRO C 180 16.01 -27.21 27.42
CA PRO C 180 17.38 -27.72 27.32
C PRO C 180 17.46 -29.23 27.12
N ILE C 181 16.40 -29.97 27.43
CA ILE C 181 16.42 -31.42 27.26
C ILE C 181 16.63 -31.78 25.79
N LEU C 182 15.91 -31.10 24.90
CA LEU C 182 16.08 -31.31 23.47
C LEU C 182 17.35 -30.61 23.01
N GLU C 183 18.32 -31.39 22.54
CA GLU C 183 19.61 -30.83 22.18
C GLU C 183 19.50 -29.83 21.02
N ASN C 184 18.71 -30.16 20.02
CA ASN C 184 18.56 -29.30 18.84
C ASN C 184 17.18 -29.54 18.24
N PRO C 185 16.23 -28.61 18.44
CA PRO C 185 14.91 -28.75 17.82
C PRO C 185 14.93 -28.66 16.30
N GLU C 186 16.01 -28.17 15.69
CA GLU C 186 16.03 -27.95 14.26
C GLU C 186 15.82 -29.25 13.49
N ILE C 187 16.41 -30.35 13.97
CA ILE C 187 16.25 -31.62 13.27
C ILE C 187 14.81 -32.11 13.30
N LEU C 188 13.97 -31.54 14.16
CA LEU C 188 12.56 -31.88 14.21
C LEU C 188 11.70 -30.97 13.33
N ARG C 189 12.32 -30.07 12.57
CA ARG C 189 11.55 -29.16 11.72
C ARG C 189 11.11 -29.85 10.43
N LYS C 190 12.08 -30.34 9.64
CA LYS C 190 11.79 -30.82 8.29
C LYS C 190 10.68 -31.86 8.30
N THR C 191 10.83 -32.90 9.11
CA THR C 191 9.81 -33.94 9.19
C THR C 191 8.46 -33.33 9.56
N ALA C 192 8.45 -32.46 10.57
CA ALA C 192 7.21 -31.78 10.94
C ALA C 192 6.63 -31.02 9.76
N ASP C 193 7.49 -30.34 8.99
CA ASP C 193 7.05 -29.67 7.78
C ASP C 193 6.28 -30.64 6.88
N ASP C 194 6.86 -31.81 6.64
CA ASP C 194 6.18 -32.82 5.82
C ASP C 194 4.82 -33.16 6.42
N PHE C 195 4.79 -33.39 7.74
CA PHE C 195 3.52 -33.71 8.38
C PHE C 195 2.54 -32.55 8.21
N LEU C 196 3.04 -31.31 8.31
CA LEU C 196 2.19 -30.16 8.08
C LEU C 196 1.51 -30.25 6.72
N ASN C 197 2.27 -30.65 5.69
CA ASN C 197 1.70 -30.78 4.36
C ASN C 197 0.52 -31.74 4.37
N ARG C 198 0.64 -32.85 5.09
CA ARG C 198 -0.47 -33.80 5.19
C ARG C 198 -1.70 -33.13 5.79
N ILE C 199 -1.50 -32.34 6.86
CA ILE C 199 -2.62 -31.66 7.49
C ILE C 199 -3.27 -30.69 6.51
N ALA C 200 -2.50 -30.18 5.55
CA ALA C 200 -3.08 -29.32 4.53
C ALA C 200 -4.06 -30.09 3.66
N LEU C 201 -3.73 -31.34 3.33
CA LEU C 201 -4.59 -32.11 2.42
C LEU C 201 -5.95 -32.40 3.04
N THR C 202 -5.99 -32.75 4.33
CA THR C 202 -7.24 -33.03 5.00
C THR C 202 -7.96 -31.72 5.34
N ASP C 203 -9.13 -31.85 5.97
CA ASP C 203 -9.96 -30.71 6.33
C ASP C 203 -9.68 -30.23 7.75
N ALA C 204 -8.54 -30.60 8.31
CA ALA C 204 -8.19 -30.18 9.67
C ALA C 204 -8.06 -28.67 9.78
N TYR C 205 -7.86 -27.97 8.66
CA TYR C 205 -7.82 -26.51 8.69
C TYR C 205 -9.16 -25.91 9.12
N LEU C 206 -10.25 -26.65 8.95
CA LEU C 206 -11.57 -26.16 9.30
C LEU C 206 -12.04 -26.61 10.68
N LEU C 207 -11.21 -27.32 11.43
CA LEU C 207 -11.62 -27.87 12.71
C LEU C 207 -10.73 -27.48 13.88
N TYR C 208 -9.46 -27.15 13.64
CA TYR C 208 -8.52 -26.89 14.71
C TYR C 208 -7.67 -25.66 14.38
N THR C 209 -7.37 -24.88 15.42
CA THR C 209 -6.64 -23.63 15.24
C THR C 209 -5.20 -23.92 14.85
N PRO C 210 -4.54 -22.97 14.17
CA PRO C 210 -3.19 -23.23 13.65
C PRO C 210 -2.16 -23.57 14.72
N SER C 211 -2.30 -23.02 15.93
CA SER C 211 -1.34 -23.34 16.98
C SER C 211 -1.39 -24.82 17.32
N GLN C 212 -2.59 -25.39 17.43
CA GLN C 212 -2.72 -26.83 17.68
C GLN C 212 -2.13 -27.64 16.54
N ILE C 213 -2.34 -27.18 15.29
CA ILE C 213 -1.81 -27.91 14.14
C ILE C 213 -0.28 -27.93 14.19
N ALA C 214 0.32 -26.78 14.47
CA ALA C 214 1.78 -26.71 14.53
C ALA C 214 2.32 -27.56 15.67
N LEU C 215 1.69 -27.49 16.83
CA LEU C 215 2.14 -28.30 17.96
C LEU C 215 2.00 -29.79 17.66
N THR C 216 0.90 -30.18 17.00
CA THR C 216 0.71 -31.57 16.63
C THR C 216 1.77 -32.04 15.66
N ALA C 217 2.10 -31.22 14.66
CA ALA C 217 3.14 -31.60 13.72
C ALA C 217 4.49 -31.75 14.42
N ILE C 218 4.81 -30.82 15.32
CA ILE C 218 6.10 -30.89 16.02
C ILE C 218 6.16 -32.13 16.90
N LEU C 219 5.08 -32.41 17.63
CA LEU C 219 5.08 -33.57 18.52
C LEU C 219 5.07 -34.88 17.76
N SER C 220 4.40 -34.94 16.61
CA SER C 220 4.45 -36.13 15.78
C SER C 220 5.86 -36.35 15.24
N SER C 221 6.53 -35.27 14.81
CA SER C 221 7.92 -35.40 14.37
C SER C 221 8.81 -35.88 15.51
N ALA C 222 8.58 -35.36 16.72
CA ALA C 222 9.36 -35.80 17.87
C ALA C 222 9.13 -37.28 18.17
N SER C 223 7.87 -37.72 18.12
CA SER C 223 7.56 -39.12 18.41
C SER C 223 8.13 -40.05 17.35
N ARG C 224 8.13 -39.61 16.09
CA ARG C 224 8.67 -40.44 15.02
C ARG C 224 10.17 -40.65 15.20
N ALA C 225 10.88 -39.65 15.69
CA ALA C 225 12.30 -39.78 15.98
C ALA C 225 12.57 -40.43 17.33
N GLY C 226 11.53 -40.71 18.11
CA GLY C 226 11.68 -41.34 19.41
C GLY C 226 11.85 -40.39 20.58
N ILE C 227 12.00 -39.09 20.31
CA ILE C 227 12.15 -38.11 21.38
C ILE C 227 10.79 -37.83 22.00
N THR C 228 10.70 -37.97 23.31
CA THR C 228 9.46 -37.74 24.05
C THR C 228 9.58 -36.45 24.83
N MET C 229 8.59 -35.56 24.67
CA MET C 229 8.60 -34.25 25.31
C MET C 229 7.24 -33.93 25.93
N GLU C 230 6.69 -34.89 26.67
CA GLU C 230 5.51 -34.61 27.47
C GLU C 230 5.84 -33.61 28.57
N SER C 231 7.10 -33.56 29.00
CA SER C 231 7.51 -32.62 30.04
C SER C 231 7.38 -31.18 29.56
N TYR C 232 7.58 -30.93 28.27
CA TYR C 232 7.41 -29.58 27.74
C TYR C 232 5.98 -29.10 27.93
N LEU C 233 5.00 -29.95 27.62
CA LEU C 233 3.61 -29.58 27.81
C LEU C 233 3.26 -29.49 29.29
N SER C 234 3.79 -30.41 30.10
CA SER C 234 3.40 -30.47 31.50
C SER C 234 3.95 -29.29 32.30
N GLU C 235 5.24 -28.97 32.12
CA GLU C 235 5.90 -27.97 32.95
C GLU C 235 6.17 -26.68 32.20
N SER C 236 6.88 -26.75 31.06
CA SER C 236 7.22 -25.53 30.34
C SER C 236 5.99 -24.80 29.84
N LEU C 237 5.02 -25.54 29.30
CA LEU C 237 3.74 -24.96 28.95
C LEU C 237 2.76 -24.93 30.11
N MET C 238 3.16 -25.48 31.26
CA MET C 238 2.32 -25.54 32.46
C MET C 238 1.00 -26.25 32.13
N ARG C 243 -5.61 -30.35 34.88
CA ARG C 243 -5.33 -31.61 34.20
C ARG C 243 -6.23 -31.78 32.98
N THR C 244 -7.34 -31.02 32.95
CA THR C 244 -8.25 -31.10 31.82
C THR C 244 -7.61 -30.55 30.55
N CYS C 245 -6.85 -29.46 30.67
CA CYS C 245 -6.26 -28.83 29.49
C CYS C 245 -5.29 -29.77 28.78
N LEU C 246 -4.42 -30.44 29.55
CA LEU C 246 -3.45 -31.36 28.96
C LEU C 246 -4.16 -32.52 28.27
N SER C 247 -5.20 -33.06 28.92
CA SER C 247 -5.95 -34.16 28.31
C SER C 247 -6.63 -33.72 27.03
N GLN C 248 -7.20 -32.51 27.01
CA GLN C 248 -7.84 -32.01 25.80
C GLN C 248 -6.83 -31.83 24.68
N LEU C 249 -5.65 -31.30 25.00
CA LEU C 249 -4.61 -31.14 23.99
C LEU C 249 -4.16 -32.48 23.43
N LEU C 250 -3.99 -33.48 24.32
CA LEU C 250 -3.60 -34.80 23.86
C LEU C 250 -4.66 -35.43 22.97
N ASP C 251 -5.94 -35.27 23.34
CA ASP C 251 -7.02 -35.80 22.51
C ASP C 251 -7.08 -35.10 21.16
N ILE C 252 -6.83 -33.79 21.14
CA ILE C 252 -6.81 -33.04 19.88
C ILE C 252 -5.70 -33.54 18.98
N MET C 253 -4.51 -33.78 19.56
CA MET C 253 -3.41 -34.33 18.78
C MET C 253 -3.74 -35.72 18.24
N LYS C 254 -4.40 -36.54 19.07
CA LYS C 254 -4.81 -37.87 18.63
C LYS C 254 -5.79 -37.77 17.46
N SER C 255 -6.75 -36.84 17.54
CA SER C 255 -7.69 -36.65 16.44
C SER C 255 -6.97 -36.18 15.18
N MET C 256 -5.99 -35.29 15.33
CA MET C 256 -5.20 -34.85 14.19
C MET C 256 -4.52 -36.03 13.52
N ARG C 257 -3.87 -36.88 14.30
CA ARG C 257 -3.17 -38.03 13.73
C ARG C 257 -4.14 -39.01 13.09
N ASN C 258 -5.32 -39.19 13.69
CA ASN C 258 -6.32 -40.06 13.10
C ASN C 258 -6.80 -39.52 11.76
N LEU C 259 -7.02 -38.20 11.67
CA LEU C 259 -7.43 -37.60 10.41
C LEU C 259 -6.33 -37.75 9.36
N VAL C 260 -5.07 -37.57 9.76
CA VAL C 260 -3.96 -37.72 8.82
C VAL C 260 -3.90 -39.14 8.29
N LYS C 261 -4.05 -40.13 9.18
CA LYS C 261 -4.03 -41.52 8.75
C LYS C 261 -5.21 -41.83 7.82
N LYS C 262 -6.40 -41.37 8.20
CA LYS C 262 -7.62 -41.76 7.50
C LYS C 262 -7.73 -41.17 6.10
N TYR C 263 -6.98 -40.10 5.80
CA TYR C 263 -7.10 -39.45 4.50
C TYR C 263 -6.66 -40.37 3.37
N GLU C 264 -7.38 -40.33 2.26
CA GLU C 264 -7.12 -41.20 1.12
C GLU C 264 -6.88 -40.37 -0.13
N PRO C 265 -5.79 -40.61 -0.85
CA PRO C 265 -5.51 -39.85 -2.08
C PRO C 265 -6.49 -40.21 -3.19
N PRO C 266 -6.64 -39.35 -4.19
CA PRO C 266 -7.59 -39.63 -5.27
C PRO C 266 -7.15 -40.79 -6.15
N ARG C 267 -8.12 -41.36 -6.85
CA ARG C 267 -7.90 -42.48 -7.76
C ARG C 267 -7.99 -41.99 -9.20
N SER C 268 -7.01 -42.38 -10.02
CA SER C 268 -6.87 -41.82 -11.35
C SER C 268 -8.09 -42.10 -12.23
N GLU C 269 -8.53 -43.37 -12.27
CA GLU C 269 -9.72 -43.69 -13.05
C GLU C 269 -10.95 -43.01 -12.47
N GLU C 270 -11.04 -42.96 -11.13
CA GLU C 270 -12.17 -42.30 -10.48
C GLU C 270 -12.22 -40.82 -10.83
N VAL C 271 -11.08 -40.14 -10.75
CA VAL C 271 -11.06 -38.71 -11.04
C VAL C 271 -11.31 -38.47 -12.53
N ALA C 272 -10.86 -39.38 -13.39
CA ALA C 272 -11.14 -39.24 -14.82
C ALA C 272 -12.64 -39.32 -15.08
N VAL C 273 -13.30 -40.32 -14.49
CA VAL C 273 -14.75 -40.48 -14.67
C VAL C 273 -15.48 -39.27 -14.11
N LEU C 274 -15.07 -38.80 -12.93
CA LEU C 274 -15.73 -37.66 -12.31
C LEU C 274 -15.53 -36.39 -13.13
N LYS C 275 -14.34 -36.20 -13.69
CA LYS C 275 -14.09 -35.04 -14.55
C LYS C 275 -14.97 -35.08 -15.79
N GLN C 276 -15.10 -36.26 -16.40
CA GLN C 276 -15.98 -36.38 -17.55
C GLN C 276 -17.42 -36.05 -17.17
N LYS C 277 -17.90 -36.57 -16.03
CA LYS C 277 -19.24 -36.26 -15.59
C LYS C 277 -19.42 -34.76 -15.33
N LEU C 278 -18.43 -34.14 -14.69
CA LEU C 278 -18.50 -32.70 -14.40
C LEU C 278 -18.55 -31.88 -15.68
N GLU C 279 -17.74 -32.25 -16.67
CA GLU C 279 -17.81 -31.56 -17.96
C GLU C 279 -19.18 -31.74 -18.59
N ARG C 280 -19.77 -32.93 -18.46
CA ARG C 280 -21.12 -33.14 -18.97
C ARG C 280 -22.13 -32.21 -18.29
N CYS C 281 -22.06 -32.10 -16.96
CA CYS C 281 -22.99 -31.21 -16.26
C CYS C 281 -22.80 -29.76 -16.67
N HIS C 282 -21.55 -29.32 -16.79
CA HIS C 282 -21.31 -27.91 -17.14
C HIS C 282 -21.71 -27.62 -18.58
N SER C 283 -21.53 -28.59 -19.49
CA SER C 283 -21.98 -28.40 -20.86
C SER C 283 -23.51 -28.36 -20.94
N ALA C 284 -24.18 -29.23 -20.18
CA ALA C 284 -25.64 -29.25 -20.21
C ALA C 284 -26.23 -27.95 -19.68
N GLU C 285 -25.67 -27.42 -18.59
CA GLU C 285 -26.18 -26.19 -17.99
C GLU C 285 -25.04 -25.38 -17.40
N TYR D 57 -30.78 0.94 1.24
CA TYR D 57 -29.84 2.06 1.25
C TYR D 57 -30.22 3.10 0.21
N GLU D 58 -30.99 4.10 0.63
CA GLU D 58 -31.45 5.17 -0.26
C GLU D 58 -30.45 6.31 -0.20
N LYS D 59 -29.68 6.48 -1.28
CA LYS D 59 -28.74 7.59 -1.37
C LYS D 59 -29.51 8.90 -1.32
N LEU D 60 -29.04 9.83 -0.48
CA LEU D 60 -29.76 11.07 -0.24
C LEU D 60 -28.90 12.32 -0.31
N ASP D 61 -27.59 12.24 -0.15
CA ASP D 61 -26.76 13.43 -0.16
C ASP D 61 -25.34 13.06 -0.57
N PHE D 62 -24.59 14.08 -0.99
CA PHE D 62 -23.21 13.93 -1.40
C PHE D 62 -22.30 14.45 -0.29
N LEU D 63 -21.29 13.66 0.07
CA LEU D 63 -20.44 13.96 1.22
C LEU D 63 -19.00 14.28 0.84
N GLY D 64 -18.69 14.37 -0.45
CA GLY D 64 -17.36 14.69 -0.89
C GLY D 64 -16.78 13.62 -1.80
N GLU D 65 -15.55 13.88 -2.22
CA GLU D 65 -14.86 12.99 -3.14
C GLU D 65 -13.35 13.13 -2.94
N GLY D 66 -12.64 12.01 -3.03
CA GLY D 66 -11.20 12.00 -2.90
C GLY D 66 -10.53 11.28 -4.04
N GLN D 67 -9.29 10.82 -3.83
CA GLN D 67 -8.59 10.09 -4.87
C GLN D 67 -8.90 8.60 -4.85
N PHE D 68 -9.17 8.03 -3.67
CA PHE D 68 -9.47 6.61 -3.58
C PHE D 68 -10.86 6.28 -4.09
N ALA D 69 -11.85 7.09 -3.72
CA ALA D 69 -13.25 6.72 -3.95
C ALA D 69 -14.13 7.96 -3.81
N THR D 70 -15.44 7.75 -3.87
CA THR D 70 -16.43 8.81 -3.72
C THR D 70 -17.43 8.39 -2.64
N VAL D 71 -17.70 9.31 -1.71
CA VAL D 71 -18.49 9.00 -0.53
C VAL D 71 -19.80 9.77 -0.56
N TYR D 72 -20.88 9.11 -0.17
CA TYR D 72 -22.19 9.77 -0.13
C TYR D 72 -23.06 9.14 0.96
N LYS D 73 -23.99 9.94 1.47
CA LYS D 73 -24.86 9.52 2.57
C LYS D 73 -25.90 8.50 2.10
N ALA D 74 -26.59 7.90 3.08
CA ALA D 74 -27.73 7.04 2.81
C ALA D 74 -28.52 6.86 4.09
N ARG D 75 -29.79 6.51 3.91
CA ARG D 75 -30.71 6.25 5.01
C ARG D 75 -30.30 5.00 5.78
N GLN D 81 -30.71 3.13 9.80
CA GLN D 81 -29.80 4.12 10.36
C GLN D 81 -28.99 4.81 9.27
N ILE D 82 -28.64 6.07 9.50
CA ILE D 82 -27.89 6.83 8.51
C ILE D 82 -26.49 6.27 8.38
N VAL D 83 -26.08 5.97 7.14
CA VAL D 83 -24.77 5.41 6.87
C VAL D 83 -24.12 6.21 5.74
N ALA D 84 -22.87 5.88 5.46
CA ALA D 84 -22.12 6.51 4.38
C ALA D 84 -21.50 5.42 3.52
N ILE D 85 -21.75 5.48 2.21
CA ILE D 85 -21.17 4.55 1.25
C ILE D 85 -19.98 5.20 0.58
N LYS D 86 -18.86 4.51 0.62
CA LYS D 86 -17.64 4.88 -0.11
C LYS D 86 -17.54 3.93 -1.29
N LYS D 87 -17.91 4.41 -2.48
CA LYS D 87 -17.86 3.61 -3.70
C LYS D 87 -16.53 3.87 -4.40
N ILE D 88 -15.82 2.81 -4.72
CA ILE D 88 -14.46 2.90 -5.23
C ILE D 88 -14.50 3.02 -6.74
N LYS D 89 -13.80 4.01 -7.28
CA LYS D 89 -13.64 4.14 -8.71
C LYS D 89 -12.41 3.36 -9.17
N LEU D 90 -12.45 2.92 -10.42
CA LEU D 90 -11.34 2.15 -10.97
C LEU D 90 -10.09 3.01 -11.05
N GLY D 91 -8.93 2.35 -10.92
CA GLY D 91 -7.67 3.06 -10.96
C GLY D 91 -7.26 3.44 -12.37
N HIS D 92 -5.96 3.39 -12.66
CA HIS D 92 -5.47 3.72 -13.98
C HIS D 92 -5.87 2.64 -14.98
N ARG D 93 -5.43 2.81 -16.24
CA ARG D 93 -5.78 1.84 -17.27
C ARG D 93 -5.22 0.47 -16.95
N SER D 94 -3.98 0.41 -16.47
CA SER D 94 -3.42 -0.88 -16.06
C SER D 94 -4.08 -1.38 -14.79
N GLU D 95 -4.51 -0.48 -13.90
CA GLU D 95 -5.15 -0.89 -12.66
C GLU D 95 -6.61 -1.27 -12.87
N ALA D 96 -7.21 -0.88 -14.00
CA ALA D 96 -8.58 -1.29 -14.28
C ALA D 96 -8.67 -2.77 -14.59
N LYS D 97 -7.58 -3.37 -15.08
CA LYS D 97 -7.56 -4.81 -15.34
C LYS D 97 -7.32 -5.62 -14.08
N ASP D 98 -7.03 -4.97 -12.96
CA ASP D 98 -6.73 -5.69 -11.73
C ASP D 98 -8.02 -6.24 -11.10
N GLY D 99 -9.12 -5.52 -11.23
CA GLY D 99 -10.38 -5.95 -10.66
C GLY D 99 -10.83 -5.10 -9.51
N ILE D 100 -11.10 -5.72 -8.36
CA ILE D 100 -11.41 -4.98 -7.16
C ILE D 100 -10.17 -4.20 -6.72
N ASN D 101 -10.36 -2.93 -6.40
CA ASN D 101 -9.23 -2.08 -6.05
C ASN D 101 -8.51 -2.59 -4.82
N ARG D 102 -7.18 -2.58 -4.87
CA ARG D 102 -6.40 -3.12 -3.77
C ARG D 102 -6.60 -2.35 -2.48
N THR D 103 -6.79 -1.04 -2.57
CA THR D 103 -7.08 -0.24 -1.37
C THR D 103 -8.37 -0.70 -0.72
N ALA D 104 -9.41 -0.93 -1.52
CA ALA D 104 -10.69 -1.37 -0.96
C ALA D 104 -10.58 -2.74 -0.33
N LEU D 105 -9.88 -3.67 -0.98
CA LEU D 105 -9.71 -5.01 -0.39
C LEU D 105 -8.93 -4.94 0.91
N ARG D 106 -7.86 -4.13 0.93
CA ARG D 106 -7.07 -3.95 2.14
C ARG D 106 -7.93 -3.40 3.27
N GLU D 107 -8.72 -2.37 2.98
CA GLU D 107 -9.55 -1.78 4.01
C GLU D 107 -10.62 -2.76 4.47
N ILE D 108 -11.18 -3.55 3.54
CA ILE D 108 -12.18 -4.55 3.89
C ILE D 108 -11.62 -5.52 4.90
N LYS D 109 -10.48 -6.14 4.58
CA LYS D 109 -9.92 -7.13 5.50
C LYS D 109 -9.52 -6.49 6.83
N LEU D 110 -8.94 -5.28 6.77
CA LEU D 110 -8.46 -4.64 7.98
C LEU D 110 -9.60 -4.32 8.94
N LEU D 111 -10.71 -3.78 8.42
CA LEU D 111 -11.83 -3.47 9.31
C LEU D 111 -12.66 -4.70 9.62
N GLN D 112 -12.50 -5.79 8.86
CA GLN D 112 -13.17 -7.03 9.24
C GLN D 112 -12.47 -7.71 10.40
N GLU D 113 -11.15 -7.56 10.50
CA GLU D 113 -10.41 -8.17 11.61
C GLU D 113 -10.26 -7.27 12.83
N LEU D 114 -10.85 -6.07 12.81
CA LEU D 114 -10.70 -5.10 13.88
C LEU D 114 -12.06 -4.80 14.52
N SER D 115 -12.04 -4.56 15.83
CA SER D 115 -13.26 -4.21 16.57
C SER D 115 -12.85 -3.42 17.79
N HIS D 116 -13.26 -2.15 17.85
CA HIS D 116 -12.93 -1.28 18.97
C HIS D 116 -13.83 -0.06 18.90
N PRO D 117 -14.20 0.51 20.06
CA PRO D 117 -15.05 1.72 20.03
C PRO D 117 -14.41 2.90 19.33
N ASN D 118 -13.08 2.97 19.28
CA ASN D 118 -12.37 4.08 18.65
C ASN D 118 -11.77 3.69 17.31
N ILE D 119 -12.42 2.78 16.59
CA ILE D 119 -12.06 2.43 15.23
C ILE D 119 -13.34 2.38 14.40
N ILE D 120 -13.29 2.98 13.20
CA ILE D 120 -14.49 3.08 12.38
C ILE D 120 -15.05 1.69 12.09
N GLY D 121 -16.37 1.58 12.07
CA GLY D 121 -17.04 0.31 11.92
C GLY D 121 -17.53 0.10 10.50
N LEU D 122 -17.07 -0.97 9.88
CA LEU D 122 -17.51 -1.37 8.55
C LEU D 122 -18.75 -2.26 8.69
N LEU D 123 -19.81 -1.93 7.95
CA LEU D 123 -21.07 -2.63 8.07
C LEU D 123 -21.34 -3.58 6.90
N ASP D 124 -21.31 -3.07 5.67
CA ASP D 124 -21.60 -3.88 4.50
C ASP D 124 -20.66 -3.48 3.38
N ALA D 125 -20.43 -4.41 2.46
CA ALA D 125 -19.50 -4.22 1.34
C ALA D 125 -20.13 -4.73 0.04
N PHE D 126 -21.36 -4.30 -0.24
CA PHE D 126 -22.02 -4.68 -1.48
C PHE D 126 -21.27 -4.14 -2.69
N GLY D 127 -21.58 -4.68 -3.86
CA GLY D 127 -20.95 -4.20 -5.07
C GLY D 127 -21.42 -4.97 -6.28
N HIS D 128 -20.76 -4.69 -7.40
CA HIS D 128 -21.05 -5.35 -8.67
C HIS D 128 -19.75 -5.76 -9.36
N LYS D 129 -19.85 -6.17 -10.63
CA LYS D 129 -18.67 -6.66 -11.32
C LYS D 129 -17.61 -5.59 -11.48
N SER D 130 -18.02 -4.36 -11.80
CA SER D 130 -17.05 -3.31 -12.13
C SER D 130 -16.15 -2.98 -10.94
N ASN D 131 -16.74 -2.70 -9.79
CA ASN D 131 -15.97 -2.26 -8.63
C ASN D 131 -16.71 -2.66 -7.36
N ILE D 132 -16.31 -2.10 -6.22
CA ILE D 132 -16.84 -2.46 -4.93
C ILE D 132 -17.22 -1.19 -4.18
N SER D 133 -18.17 -1.31 -3.25
CA SER D 133 -18.64 -0.19 -2.46
C SER D 133 -18.75 -0.60 -1.00
N LEU D 134 -18.22 0.24 -0.11
CA LEU D 134 -18.21 -0.06 1.31
C LEU D 134 -19.22 0.83 2.04
N VAL D 135 -19.65 0.38 3.22
CA VAL D 135 -20.64 1.08 4.03
C VAL D 135 -20.11 1.24 5.44
N PHE D 136 -20.17 2.46 5.96
CA PHE D 136 -19.72 2.78 7.31
C PHE D 136 -20.78 3.56 8.05
N ASP D 137 -20.63 3.63 9.37
CA ASP D 137 -21.50 4.46 10.18
C ASP D 137 -21.30 5.93 9.84
N PHE D 138 -22.38 6.70 9.92
CA PHE D 138 -22.29 8.12 9.61
C PHE D 138 -21.41 8.81 10.63
N MET D 139 -20.37 9.48 10.15
CA MET D 139 -19.39 10.14 11.00
C MET D 139 -19.57 11.64 10.87
N GLU D 140 -20.03 12.28 11.94
CA GLU D 140 -20.60 13.63 11.84
C GLU D 140 -19.58 14.62 11.26
N THR D 141 -18.38 14.65 11.80
CA THR D 141 -17.38 15.62 11.39
C THR D 141 -15.99 15.05 11.60
N ASP D 142 -14.99 15.79 11.14
CA ASP D 142 -13.60 15.41 11.27
C ASP D 142 -12.93 16.26 12.34
N LEU D 143 -11.70 15.89 12.69
CA LEU D 143 -10.94 16.69 13.65
C LEU D 143 -10.37 17.95 13.00
N GLU D 144 -10.10 17.89 11.69
CA GLU D 144 -9.59 19.06 10.99
C GLU D 144 -10.59 20.19 10.99
N VAL D 145 -11.89 19.86 10.93
CA VAL D 145 -12.92 20.89 11.03
C VAL D 145 -12.87 21.56 12.39
N ILE D 146 -12.68 20.77 13.45
CA ILE D 146 -12.58 21.34 14.79
C ILE D 146 -11.35 22.23 14.90
N ILE D 147 -10.22 21.78 14.37
CA ILE D 147 -8.98 22.54 14.50
C ILE D 147 -9.06 23.84 13.73
N LYS D 148 -9.51 23.79 12.47
CA LYS D 148 -9.50 24.97 11.61
C LYS D 148 -10.57 25.98 11.97
N ASP D 149 -11.57 25.59 12.77
CA ASP D 149 -12.65 26.51 13.14
C ASP D 149 -12.16 27.42 14.25
N ASN D 150 -12.12 28.73 13.98
CA ASN D 150 -11.65 29.68 14.97
C ASN D 150 -12.69 29.96 16.05
N SER D 151 -13.95 29.60 15.81
CA SER D 151 -14.98 29.81 16.83
C SER D 151 -14.95 28.77 17.93
N LEU D 152 -14.14 27.72 17.77
CA LEU D 152 -14.09 26.63 18.74
C LEU D 152 -12.87 26.82 19.63
N VAL D 153 -13.11 27.04 20.92
CA VAL D 153 -12.02 27.17 21.90
C VAL D 153 -11.65 25.79 22.40
N LEU D 154 -10.36 25.45 22.30
CA LEU D 154 -9.85 24.14 22.71
C LEU D 154 -9.18 24.29 24.08
N THR D 155 -9.94 24.01 25.13
CA THR D 155 -9.38 23.96 26.47
C THR D 155 -8.44 22.76 26.58
N PRO D 156 -7.51 22.79 27.54
CA PRO D 156 -6.58 21.66 27.69
C PRO D 156 -7.27 20.32 27.89
N SER D 157 -8.44 20.32 28.52
CA SER D 157 -9.18 19.08 28.70
C SER D 157 -9.62 18.50 27.36
N HIS D 158 -10.03 19.36 26.42
CA HIS D 158 -10.41 18.87 25.10
C HIS D 158 -9.23 18.21 24.39
N ILE D 159 -8.06 18.83 24.45
CA ILE D 159 -6.86 18.24 23.86
C ILE D 159 -6.55 16.91 24.53
N LYS D 160 -6.68 16.86 25.87
CA LYS D 160 -6.42 15.62 26.59
C LYS D 160 -7.37 14.51 26.14
N ALA D 161 -8.65 14.84 25.97
CA ALA D 161 -9.62 13.83 25.56
C ALA D 161 -9.36 13.35 24.14
N TYR D 162 -9.07 14.27 23.22
CA TYR D 162 -8.77 13.86 21.84
C TYR D 162 -7.53 12.96 21.80
N MET D 163 -6.47 13.36 22.52
CA MET D 163 -5.26 12.55 22.53
C MET D 163 -5.52 11.19 23.18
N LEU D 164 -6.36 11.17 24.22
CA LEU D 164 -6.70 9.91 24.88
C LEU D 164 -7.40 8.95 23.93
N MET D 165 -8.40 9.46 23.20
CA MET D 165 -9.11 8.62 22.26
C MET D 165 -8.19 8.11 21.16
N THR D 166 -7.37 9.00 20.61
CA THR D 166 -6.45 8.60 19.55
C THR D 166 -5.46 7.55 20.05
N LEU D 167 -4.92 7.75 21.25
CA LEU D 167 -3.92 6.84 21.79
C LEU D 167 -4.52 5.49 22.14
N GLN D 168 -5.76 5.47 22.64
CA GLN D 168 -6.41 4.19 22.92
C GLN D 168 -6.68 3.43 21.62
N GLY D 169 -7.18 4.13 20.60
CA GLY D 169 -7.37 3.48 19.31
C GLY D 169 -6.09 2.92 18.75
N LEU D 170 -5.00 3.70 18.85
CA LEU D 170 -3.72 3.22 18.34
C LEU D 170 -3.16 2.10 19.19
N GLU D 171 -3.45 2.10 20.49
CA GLU D 171 -3.03 1.00 21.35
C GLU D 171 -3.67 -0.30 20.90
N TYR D 172 -4.99 -0.28 20.68
CA TYR D 172 -5.66 -1.47 20.19
C TYR D 172 -5.15 -1.86 18.81
N LEU D 173 -4.93 -0.88 17.93
CA LEU D 173 -4.47 -1.18 16.57
C LEU D 173 -3.08 -1.79 16.58
N HIS D 174 -2.17 -1.26 17.41
CA HIS D 174 -0.80 -1.73 17.45
C HIS D 174 -0.66 -3.05 18.20
N GLN D 175 -1.58 -3.34 19.13
CA GLN D 175 -1.54 -4.63 19.79
C GLN D 175 -1.73 -5.77 18.80
N HIS D 176 -2.50 -5.54 17.74
CA HIS D 176 -2.75 -6.54 16.71
C HIS D 176 -1.75 -6.45 15.57
N TRP D 177 -0.64 -5.76 15.77
CA TRP D 177 0.45 -5.66 14.80
C TRP D 177 -0.04 -5.10 13.47
N ILE D 178 -0.55 -3.86 13.53
CA ILE D 178 -1.10 -3.18 12.37
C ILE D 178 -0.74 -1.70 12.48
N LEU D 179 -0.16 -1.15 11.41
CA LEU D 179 0.25 0.25 11.37
C LEU D 179 -0.71 1.04 10.51
N HIS D 180 -1.21 2.16 11.06
CA HIS D 180 -2.15 2.98 10.30
C HIS D 180 -1.46 3.68 9.13
N ARG D 181 -0.32 4.31 9.38
CA ARG D 181 0.54 4.92 8.37
C ARG D 181 -0.14 6.04 7.59
N ASP D 182 -1.32 6.49 8.01
CA ASP D 182 -1.99 7.60 7.34
C ASP D 182 -2.65 8.50 8.37
N LEU D 183 -1.93 8.81 9.45
CA LEU D 183 -2.49 9.58 10.54
C LEU D 183 -2.40 11.08 10.25
N LYS D 184 -3.55 11.76 10.36
CA LYS D 184 -3.65 13.21 10.17
C LYS D 184 -5.04 13.66 10.58
N PRO D 185 -5.21 14.93 10.99
CA PRO D 185 -6.45 15.31 11.70
C PRO D 185 -7.74 15.04 10.94
N ASN D 186 -7.78 15.26 9.63
CA ASN D 186 -9.03 15.02 8.93
C ASN D 186 -9.37 13.54 8.81
N ASN D 187 -8.40 12.65 9.06
CA ASN D 187 -8.67 11.21 9.12
C ASN D 187 -9.28 10.79 10.45
N LEU D 188 -9.22 11.63 11.48
CA LEU D 188 -9.85 11.35 12.76
C LEU D 188 -11.27 11.92 12.70
N LEU D 189 -12.26 11.05 12.67
CA LEU D 189 -13.64 11.46 12.49
C LEU D 189 -14.36 11.51 13.83
N LEU D 190 -15.14 12.58 14.03
CA LEU D 190 -15.93 12.76 15.24
C LEU D 190 -17.40 12.52 14.92
N ASP D 191 -18.07 11.74 15.77
CA ASP D 191 -19.47 11.42 15.57
C ASP D 191 -20.35 12.47 16.25
N GLU D 192 -21.66 12.22 16.29
CA GLU D 192 -22.56 13.13 16.98
C GLU D 192 -22.39 13.08 18.48
N ASN D 193 -21.74 12.03 19.00
CA ASN D 193 -21.49 11.89 20.44
C ASN D 193 -20.02 12.13 20.80
N GLY D 194 -19.25 12.72 19.89
CA GLY D 194 -17.86 13.04 20.18
C GLY D 194 -16.98 11.83 20.44
N VAL D 195 -17.16 10.77 19.67
CA VAL D 195 -16.34 9.57 19.78
C VAL D 195 -15.37 9.56 18.60
N LEU D 196 -14.12 9.94 18.86
CA LEU D 196 -13.12 9.96 17.82
C LEU D 196 -12.82 8.55 17.34
N LYS D 197 -12.80 8.35 16.02
CA LYS D 197 -12.52 7.06 15.42
C LYS D 197 -11.52 7.22 14.29
N LEU D 198 -10.52 6.34 14.26
CA LEU D 198 -9.60 6.30 13.14
C LEU D 198 -10.34 5.85 11.88
N ALA D 199 -9.83 6.26 10.73
CA ALA D 199 -10.46 5.92 9.45
C ALA D 199 -9.38 5.95 8.36
N ASP D 200 -9.82 5.77 7.12
CA ASP D 200 -8.94 5.76 5.95
C ASP D 200 -7.83 4.73 6.11
N PHE D 201 -8.25 3.46 6.20
CA PHE D 201 -7.33 2.34 6.36
C PHE D 201 -6.77 1.85 5.03
N GLY D 202 -6.79 2.69 4.00
CA GLY D 202 -6.26 2.27 2.71
C GLY D 202 -4.77 1.96 2.77
N LEU D 203 -4.02 2.75 3.53
CA LEU D 203 -2.58 2.55 3.67
C LEU D 203 -2.21 1.71 4.88
N ALA D 204 -3.19 1.25 5.65
CA ALA D 204 -2.89 0.48 6.86
C ALA D 204 -2.33 -0.88 6.49
N LYS D 205 -1.16 -1.21 7.05
CA LYS D 205 -0.49 -2.46 6.76
C LYS D 205 0.03 -3.08 8.05
N SER D 206 0.04 -4.39 8.11
CA SER D 206 0.54 -5.10 9.28
C SER D 206 2.07 -5.01 9.35
N PHE D 207 2.59 -5.09 10.57
CA PHE D 207 4.02 -5.00 10.80
C PHE D 207 4.44 -6.07 11.79
N GLY D 208 5.73 -6.40 11.76
CA GLY D 208 6.28 -7.36 12.69
C GLY D 208 7.09 -8.46 12.02
N SER D 209 6.63 -8.91 10.87
CA SER D 209 7.35 -9.94 10.13
C SER D 209 8.40 -9.31 9.23
N PRO D 210 9.67 -9.73 9.33
CA PRO D 210 10.75 -9.17 8.49
C PRO D 210 10.74 -9.73 7.07
N ASN D 211 9.56 -9.74 6.44
CA ASN D 211 9.40 -10.30 5.11
C ASN D 211 8.84 -9.31 4.10
N ARG D 212 7.88 -8.49 4.50
CA ARG D 212 7.21 -7.56 3.59
C ARG D 212 7.60 -6.14 3.96
N ALA D 213 8.18 -5.42 3.01
CA ALA D 213 8.56 -4.02 3.16
C ALA D 213 7.77 -3.18 2.17
N TYR D 214 7.15 -2.11 2.64
CA TYR D 214 6.29 -1.28 1.81
C TYR D 214 6.93 0.10 1.61
N THR D 215 6.34 0.87 0.70
CA THR D 215 6.85 2.19 0.37
C THR D 215 6.87 3.10 1.59
N HIS D 216 7.97 3.84 1.74
CA HIS D 216 8.07 4.80 2.83
C HIS D 216 7.18 6.02 2.60
N GLN D 217 6.89 6.35 1.35
CA GLN D 217 6.08 7.52 1.01
C GLN D 217 4.60 7.17 1.19
N VAL D 218 4.18 7.13 2.45
CA VAL D 218 2.81 6.78 2.83
C VAL D 218 2.10 7.95 3.48
N VAL D 219 2.63 8.46 4.59
CA VAL D 219 2.01 9.59 5.27
C VAL D 219 2.21 10.85 4.45
N THR D 220 1.34 11.83 4.66
CA THR D 220 1.50 13.12 4.00
C THR D 220 2.74 13.83 4.52
N ARG D 221 3.21 14.81 3.73
CA ARG D 221 4.49 15.43 4.02
C ARG D 221 4.49 16.15 5.37
N TRP D 222 3.33 16.66 5.79
CA TRP D 222 3.29 17.44 7.03
C TRP D 222 3.45 16.55 8.25
N TYR D 223 2.91 15.34 8.21
CA TYR D 223 2.90 14.45 9.37
C TYR D 223 3.76 13.20 9.15
N ARG D 224 4.87 13.35 8.42
CA ARG D 224 5.76 12.23 8.13
C ARG D 224 6.93 12.24 9.12
N ALA D 225 7.19 11.09 9.72
CA ALA D 225 8.30 10.97 10.65
C ALA D 225 9.63 11.03 9.90
N PRO D 226 10.68 11.54 10.55
CA PRO D 226 11.98 11.61 9.87
C PRO D 226 12.53 10.25 9.45
N GLU D 227 12.14 9.18 10.15
CA GLU D 227 12.56 7.85 9.71
C GLU D 227 11.97 7.52 8.34
N LEU D 228 10.71 7.88 8.11
CA LEU D 228 10.12 7.69 6.79
C LEU D 228 10.72 8.64 5.77
N LEU D 229 10.92 9.91 6.15
CA LEU D 229 11.47 10.89 5.23
C LEU D 229 12.88 10.51 4.79
N PHE D 230 13.64 9.85 5.66
CA PHE D 230 14.98 9.38 5.31
C PHE D 230 14.95 8.04 4.58
N GLY D 231 13.79 7.61 4.11
CA GLY D 231 13.69 6.42 3.28
C GLY D 231 14.01 5.13 4.01
N ALA D 232 13.18 4.75 4.96
CA ALA D 232 13.38 3.52 5.73
C ALA D 232 12.50 2.41 5.14
N ARG D 233 13.14 1.30 4.76
CA ARG D 233 12.39 0.15 4.27
C ARG D 233 11.56 -0.47 5.37
N MET D 234 12.17 -0.73 6.52
CA MET D 234 11.51 -1.39 7.65
C MET D 234 11.35 -0.40 8.81
N TYR D 235 10.17 -0.39 9.41
CA TYR D 235 9.90 0.51 10.52
C TYR D 235 8.89 -0.14 11.46
N GLY D 236 8.60 0.55 12.55
CA GLY D 236 7.69 0.03 13.55
C GLY D 236 6.58 1.01 13.92
N VAL D 237 6.17 1.02 15.19
CA VAL D 237 5.09 1.88 15.63
C VAL D 237 5.48 3.35 15.61
N GLY D 238 6.77 3.66 15.56
CA GLY D 238 7.19 5.04 15.64
C GLY D 238 6.60 5.91 14.55
N VAL D 239 6.46 5.35 13.34
CA VAL D 239 5.92 6.12 12.22
C VAL D 239 4.52 6.62 12.52
N ASP D 240 3.79 5.93 13.39
CA ASP D 240 2.51 6.46 13.84
C ASP D 240 2.71 7.53 14.91
N MET D 241 3.57 7.25 15.89
CA MET D 241 3.66 8.08 17.09
C MET D 241 4.02 9.52 16.73
N TRP D 242 5.01 9.69 15.86
CA TRP D 242 5.39 11.03 15.42
C TRP D 242 4.19 11.78 14.86
N ALA D 243 3.42 11.12 13.98
CA ALA D 243 2.22 11.74 13.45
C ALA D 243 1.32 12.19 14.58
N VAL D 244 1.12 11.34 15.58
CA VAL D 244 0.33 11.70 16.74
C VAL D 244 0.86 12.97 17.36
N GLY D 245 2.17 13.03 17.59
CA GLY D 245 2.77 14.23 18.14
C GLY D 245 2.45 15.45 17.30
N CYS D 246 2.57 15.32 15.98
CA CYS D 246 2.23 16.43 15.10
C CYS D 246 0.79 16.87 15.34
N ILE D 247 -0.13 15.91 15.39
CA ILE D 247 -1.53 16.24 15.68
C ILE D 247 -1.62 16.98 17.00
N LEU D 248 -0.93 16.47 18.03
CA LEU D 248 -0.91 17.14 19.31
C LEU D 248 -0.43 18.58 19.15
N ALA D 249 0.68 18.77 18.43
CA ALA D 249 1.19 20.11 18.20
C ALA D 249 0.15 20.98 17.52
N GLU D 250 -0.55 20.41 16.53
CA GLU D 250 -1.60 21.18 15.86
C GLU D 250 -2.67 21.59 16.85
N LEU D 251 -3.07 20.67 17.74
CA LEU D 251 -4.09 20.99 18.72
C LEU D 251 -3.62 22.10 19.66
N LEU D 252 -2.31 22.30 19.77
CA LEU D 252 -1.80 23.36 20.63
C LEU D 252 -1.62 24.68 19.88
N LEU D 253 -1.63 24.66 18.54
CA LEU D 253 -1.34 25.86 17.78
C LEU D 253 -2.41 26.22 16.75
N ARG D 254 -3.38 25.33 16.49
CA ARG D 254 -4.44 25.52 15.51
C ARG D 254 -3.91 25.69 14.09
N VAL D 255 -2.62 25.49 13.89
CA VAL D 255 -2.01 25.54 12.56
C VAL D 255 -1.03 24.38 12.44
N PRO D 256 -0.76 23.93 11.21
CA PRO D 256 0.15 22.80 11.03
C PRO D 256 1.50 23.07 11.69
N PHE D 257 2.02 22.05 12.37
CA PHE D 257 3.25 22.21 13.13
C PHE D 257 4.43 22.46 12.21
N LEU D 258 4.59 21.64 11.18
CA LEU D 258 5.68 21.74 10.22
C LEU D 258 5.11 21.72 8.81
N PRO D 259 4.47 22.80 8.38
CA PRO D 259 3.78 22.81 7.07
C PRO D 259 4.74 23.00 5.92
N GLY D 260 5.64 22.03 5.73
CA GLY D 260 6.58 22.10 4.63
C GLY D 260 5.90 21.81 3.30
N ASP D 261 6.47 22.40 2.24
CA ASP D 261 5.96 22.19 0.89
C ASP D 261 6.72 21.09 0.17
N SER D 262 8.05 21.10 0.27
CA SER D 262 8.88 20.02 -0.24
C SER D 262 9.35 19.15 0.91
N ASP D 263 9.65 17.89 0.60
CA ASP D 263 10.07 16.95 1.63
C ASP D 263 11.42 17.35 2.21
N LEU D 264 12.33 17.83 1.38
CA LEU D 264 13.57 18.39 1.90
C LEU D 264 13.31 19.61 2.77
N ASP D 265 12.38 20.47 2.33
CA ASP D 265 11.96 21.59 3.16
C ASP D 265 11.30 21.10 4.43
N GLN D 266 10.59 19.97 4.36
CA GLN D 266 10.01 19.38 5.57
C GLN D 266 11.09 18.96 6.55
N LEU D 267 12.16 18.36 6.04
CA LEU D 267 13.28 17.97 6.90
C LEU D 267 13.93 19.21 7.52
N THR D 268 14.11 20.27 6.73
CA THR D 268 14.69 21.49 7.26
C THR D 268 13.80 22.09 8.36
N ARG D 269 12.49 22.07 8.15
CA ARG D 269 11.57 22.58 9.18
C ARG D 269 11.65 21.74 10.45
N ILE D 270 11.68 20.42 10.29
CA ILE D 270 11.75 19.53 11.45
C ILE D 270 13.02 19.79 12.25
N PHE D 271 14.15 19.90 11.56
CA PHE D 271 15.42 20.09 12.26
C PHE D 271 15.59 21.50 12.80
N GLU D 272 14.92 22.48 12.18
CA GLU D 272 14.95 23.84 12.72
C GLU D 272 14.07 23.97 13.95
N THR D 273 13.00 23.18 14.03
CA THR D 273 12.11 23.25 15.18
C THR D 273 12.61 22.40 16.35
N LEU D 274 13.12 21.19 16.08
CA LEU D 274 13.50 20.27 17.14
C LEU D 274 15.01 20.06 17.24
N GLY D 275 15.81 20.80 16.48
CA GLY D 275 17.25 20.63 16.56
C GLY D 275 17.75 19.46 15.74
N THR D 276 18.92 19.62 15.13
CA THR D 276 19.48 18.56 14.31
C THR D 276 19.91 17.39 15.17
N PRO D 277 19.48 16.16 14.87
CA PRO D 277 19.86 15.02 15.70
C PRO D 277 21.34 14.69 15.57
N THR D 278 21.88 14.10 16.62
CA THR D 278 23.27 13.67 16.68
C THR D 278 23.33 12.14 16.74
N GLU D 279 24.56 11.62 16.78
CA GLU D 279 24.73 10.17 16.90
C GLU D 279 24.34 9.65 18.27
N GLU D 280 24.27 10.52 19.28
CA GLU D 280 23.82 10.09 20.59
C GLU D 280 22.33 9.77 20.59
N GLN D 281 21.54 10.57 19.88
CA GLN D 281 20.09 10.40 19.83
C GLN D 281 19.64 9.58 18.62
N TRP D 282 20.57 9.11 17.78
CA TRP D 282 20.22 8.29 16.63
C TRP D 282 21.45 7.45 16.28
N PRO D 283 21.58 6.27 16.89
CA PRO D 283 22.82 5.50 16.73
C PRO D 283 23.13 5.10 15.30
N ASP D 284 22.12 4.84 14.48
CA ASP D 284 22.33 4.36 13.12
C ASP D 284 21.64 5.25 12.09
N MET D 285 21.66 6.57 12.34
CA MET D 285 21.03 7.50 11.41
C MET D 285 21.70 7.45 10.03
N CYS D 286 23.03 7.34 10.01
CA CYS D 286 23.76 7.31 8.74
C CYS D 286 23.44 6.05 7.94
N SER D 287 22.98 4.98 8.59
CA SER D 287 22.77 3.71 7.90
C SER D 287 21.64 3.80 6.88
N LEU D 288 20.74 4.77 7.05
CA LEU D 288 19.63 4.90 6.13
C LEU D 288 20.12 5.26 4.73
N PRO D 289 19.45 4.81 3.66
CA PRO D 289 19.95 5.11 2.32
C PRO D 289 19.71 6.54 1.88
N ASP D 290 18.59 7.14 2.27
CA ASP D 290 18.28 8.52 1.92
C ASP D 290 18.74 9.50 2.98
N TYR D 291 19.75 9.14 3.77
CA TYR D 291 20.25 10.02 4.81
C TYR D 291 21.01 11.18 4.20
N VAL D 292 20.68 12.40 4.63
CA VAL D 292 21.32 13.61 4.15
C VAL D 292 21.84 14.39 5.34
N THR D 293 23.10 14.85 5.23
CA THR D 293 23.71 15.62 6.30
C THR D 293 23.03 16.98 6.45
N PHE D 294 22.99 17.47 7.67
CA PHE D 294 22.36 18.74 7.99
C PHE D 294 23.28 19.56 8.89
N LYS D 295 23.06 20.87 8.90
CA LYS D 295 23.76 21.74 9.82
C LYS D 295 23.10 21.71 11.18
N SER D 296 23.91 21.91 12.23
CA SER D 296 23.46 21.74 13.60
C SER D 296 22.64 22.95 14.03
N PHE D 297 21.33 22.86 13.83
CA PHE D 297 20.45 23.90 14.36
C PHE D 297 20.29 23.74 15.87
N PRO D 298 20.36 24.83 16.63
CA PRO D 298 20.16 24.73 18.08
C PRO D 298 18.80 24.17 18.46
N GLY D 299 17.76 24.50 17.70
CA GLY D 299 16.43 24.04 18.01
C GLY D 299 15.74 24.88 19.06
N ILE D 300 14.52 25.31 18.79
CA ILE D 300 13.77 26.12 19.77
C ILE D 300 13.46 25.27 20.99
N PRO D 301 13.62 25.80 22.20
CA PRO D 301 13.21 25.05 23.39
C PRO D 301 11.71 24.76 23.36
N LEU D 302 11.34 23.60 23.92
CA LEU D 302 9.96 23.13 23.81
C LEU D 302 8.99 24.09 24.49
N HIS D 303 9.38 24.64 25.65
CA HIS D 303 8.49 25.54 26.38
C HIS D 303 8.23 26.84 25.63
N HIS D 304 9.11 27.22 24.71
CA HIS D 304 8.89 28.45 23.94
C HIS D 304 7.80 28.25 22.89
N ILE D 305 7.80 27.09 22.21
CA ILE D 305 6.83 26.85 21.15
C ILE D 305 5.43 26.75 21.72
N PHE D 306 5.25 25.96 22.78
CA PHE D 306 3.97 25.79 23.44
C PHE D 306 4.10 26.38 24.85
N SER D 307 3.85 27.68 24.94
CA SER D 307 3.98 28.37 26.23
C SER D 307 2.96 27.89 27.24
N ALA D 308 1.72 27.67 26.79
CA ALA D 308 0.63 27.34 27.70
C ALA D 308 0.65 25.89 28.17
N ALA D 309 1.47 25.04 27.55
CA ALA D 309 1.50 23.63 27.92
C ALA D 309 2.33 23.43 29.19
N GLY D 310 1.83 22.56 30.08
CA GLY D 310 2.49 22.30 31.33
C GLY D 310 3.69 21.38 31.20
N ASP D 311 4.34 21.14 32.34
CA ASP D 311 5.56 20.35 32.35
C ASP D 311 5.29 18.91 31.88
N ASP D 312 4.20 18.31 32.37
CA ASP D 312 3.85 16.97 31.93
C ASP D 312 3.56 16.92 30.44
N LEU D 313 2.87 17.92 29.92
CA LEU D 313 2.61 17.97 28.49
C LEU D 313 3.91 18.16 27.70
N LEU D 314 4.84 18.96 28.23
CA LEU D 314 6.13 19.09 27.59
C LEU D 314 6.87 17.76 27.55
N ASP D 315 6.84 17.00 28.65
CA ASP D 315 7.50 15.70 28.66
C ASP D 315 6.84 14.74 27.68
N LEU D 316 5.51 14.77 27.60
CA LEU D 316 4.81 13.91 26.64
C LEU D 316 5.18 14.27 25.21
N ILE D 317 5.23 15.57 24.90
CA ILE D 317 5.60 16.00 23.55
C ILE D 317 7.03 15.59 23.23
N GLN D 318 7.95 15.79 24.16
CA GLN D 318 9.33 15.41 23.94
C GLN D 318 9.46 13.90 23.71
N GLY D 319 8.75 13.11 24.51
CA GLY D 319 8.75 11.67 24.30
C GLY D 319 8.21 11.28 22.94
N LEU D 320 7.12 11.93 22.53
CA LEU D 320 6.56 11.67 21.20
C LEU D 320 7.47 12.16 20.08
N PHE D 321 8.44 13.04 20.38
CA PHE D 321 9.26 13.65 19.34
C PHE D 321 10.74 13.28 19.44
N LEU D 322 11.08 12.14 20.06
CA LEU D 322 12.45 11.68 19.96
C LEU D 322 12.79 11.30 18.53
N PHE D 323 14.05 11.55 18.17
CA PHE D 323 14.51 11.19 16.83
C PHE D 323 14.78 9.70 16.69
N ASN D 324 15.09 9.02 17.79
CA ASN D 324 15.31 7.58 17.74
C ASN D 324 13.97 6.86 17.77
N PRO D 325 13.58 6.16 16.71
CA PRO D 325 12.27 5.49 16.71
C PRO D 325 12.14 4.43 17.78
N CYS D 326 13.23 3.72 18.10
CA CYS D 326 13.16 2.69 19.13
C CYS D 326 12.87 3.30 20.50
N ALA D 327 13.49 4.43 20.81
CA ALA D 327 13.29 5.08 22.10
C ALA D 327 12.04 5.94 22.14
N ARG D 328 11.43 6.22 20.99
CA ARG D 328 10.18 6.99 20.98
C ARG D 328 9.08 6.21 21.69
N ILE D 329 8.33 6.91 22.53
CA ILE D 329 7.33 6.24 23.37
C ILE D 329 6.23 5.65 22.50
N THR D 330 5.63 4.58 23.00
CA THR D 330 4.55 3.89 22.31
C THR D 330 3.20 4.33 22.90
N ALA D 331 2.13 3.76 22.37
CA ALA D 331 0.79 4.12 22.85
C ALA D 331 0.60 3.74 24.31
N THR D 332 1.02 2.54 24.70
CA THR D 332 0.88 2.12 26.08
C THR D 332 1.71 2.99 27.02
N GLN D 333 2.95 3.29 26.62
CA GLN D 333 3.78 4.17 27.44
C GLN D 333 3.20 5.57 27.50
N ALA D 334 2.67 6.07 26.38
CA ALA D 334 2.10 7.41 26.36
C ALA D 334 0.89 7.50 27.28
N LEU D 335 0.04 6.47 27.27
CA LEU D 335 -1.11 6.46 28.18
C LEU D 335 -0.71 6.37 29.64
N LYS D 336 0.52 5.89 29.92
CA LYS D 336 0.99 5.73 31.29
C LYS D 336 1.74 6.95 31.80
N MET D 337 1.84 8.02 31.01
CA MET D 337 2.48 9.23 31.50
C MET D 337 1.57 9.94 32.51
N LYS D 338 2.20 10.79 33.33
CA LYS D 338 1.48 11.50 34.38
C LYS D 338 0.50 12.54 33.82
N TYR D 339 0.61 12.91 32.55
CA TYR D 339 -0.24 13.95 32.00
C TYR D 339 -1.71 13.55 32.02
N PHE D 340 -2.00 12.30 31.64
CA PHE D 340 -3.39 11.89 31.51
C PHE D 340 -4.07 11.73 32.87
N SER D 341 -3.35 11.27 33.88
CA SER D 341 -3.93 11.14 35.21
C SER D 341 -3.97 12.46 35.98
N ASN D 342 -3.26 13.48 35.51
CA ASN D 342 -3.22 14.76 36.19
C ASN D 342 -4.54 15.51 36.02
N ARG D 343 -4.82 16.40 36.97
CA ARG D 343 -5.95 17.29 36.85
C ARG D 343 -5.73 18.27 35.69
N PRO D 344 -6.80 18.66 34.98
CA PRO D 344 -8.19 18.21 35.11
C PRO D 344 -8.45 16.91 34.35
N GLY D 345 -9.58 16.27 34.60
CA GLY D 345 -9.93 15.06 33.90
C GLY D 345 -10.34 15.32 32.47
N PRO D 346 -10.07 14.38 31.57
CA PRO D 346 -10.46 14.56 30.17
C PRO D 346 -11.96 14.72 30.02
N THR D 347 -12.36 15.57 29.08
CA THR D 347 -13.76 15.84 28.87
C THR D 347 -14.48 14.61 28.33
N PRO D 348 -15.75 14.43 28.70
CA PRO D 348 -16.52 13.31 28.15
C PRO D 348 -16.82 13.53 26.67
N GLY D 349 -17.36 12.48 26.05
CA GLY D 349 -17.71 12.57 24.65
C GLY D 349 -18.80 13.58 24.36
N CYS D 350 -19.73 13.76 25.30
CA CYS D 350 -20.87 14.65 25.08
C CYS D 350 -20.55 16.12 25.31
N GLN D 351 -19.38 16.44 25.86
CA GLN D 351 -19.01 17.82 26.13
C GLN D 351 -17.96 18.37 25.16
N LEU D 352 -17.56 17.59 24.16
CA LEU D 352 -16.59 18.07 23.19
C LEU D 352 -17.21 19.15 22.31
N PRO D 353 -16.39 20.06 21.77
CA PRO D 353 -16.95 21.12 20.91
C PRO D 353 -17.55 20.55 19.64
N ARG D 354 -18.65 21.18 19.21
CA ARG D 354 -19.38 20.75 18.02
C ARG D 354 -19.63 21.96 17.12
N PRO D 355 -19.25 21.90 15.84
CA PRO D 355 -19.50 23.00 14.89
C PRO D 355 -20.99 23.19 14.60
#